data_9M1Y
#
_entry.id   9M1Y
#
_entity_poly.entity_id   1
_entity_poly.type   'polypeptide(L)'
_entity_poly.pdbx_seq_one_letter_code
;GSTGEDAHLTQYKPKEPVTTRQVRTIVEEVQDGKVISSREQVHQTTR
;
_entity_poly.pdbx_strand_id   A
#
# COMPACT_ATOMS: atom_id res chain seq x y z
N GLY A 1 -36.27 15.57 -7.18
CA GLY A 1 -34.90 15.19 -7.60
C GLY A 1 -34.09 14.56 -6.48
N SER A 2 -33.75 13.28 -6.64
CA SER A 2 -32.98 12.56 -5.64
C SER A 2 -31.56 13.12 -5.53
N THR A 3 -31.00 13.09 -4.33
CA THR A 3 -29.66 13.59 -4.09
C THR A 3 -28.61 12.59 -4.55
N GLY A 4 -27.37 13.05 -4.70
CA GLY A 4 -26.29 12.19 -5.13
C GLY A 4 -25.73 11.34 -4.00
N GLU A 5 -24.78 10.48 -4.32
CA GLU A 5 -24.15 9.61 -3.32
C GLU A 5 -22.64 9.53 -3.56
N ASP A 6 -21.87 9.67 -2.48
CA ASP A 6 -20.41 9.62 -2.56
C ASP A 6 -19.81 9.15 -1.24
N ALA A 7 -18.48 9.04 -1.21
CA ALA A 7 -17.77 8.61 -0.01
C ALA A 7 -16.39 9.22 0.06
N HIS A 8 -15.87 9.37 1.27
CA HIS A 8 -14.55 9.95 1.48
C HIS A 8 -13.96 9.50 2.82
N LEU A 9 -12.64 9.68 2.99
CA LEU A 9 -11.95 9.31 4.22
C LEU A 9 -11.62 10.54 5.05
N THR A 10 -12.11 10.56 6.29
CA THR A 10 -11.87 11.68 7.19
C THR A 10 -10.40 11.76 7.62
N GLN A 11 -9.74 10.61 7.67
CA GLN A 11 -8.34 10.55 8.07
C GLN A 11 -7.42 10.94 6.91
N TYR A 12 -6.31 11.60 7.23
CA TYR A 12 -5.35 12.04 6.22
C TYR A 12 -3.95 12.14 6.81
N LYS A 13 -2.94 12.14 5.94
CA LYS A 13 -1.55 12.24 6.36
C LYS A 13 -1.24 13.64 6.90
N PRO A 14 -0.82 13.78 8.19
CA PRO A 14 -0.50 15.09 8.74
C PRO A 14 0.81 15.63 8.18
N LYS A 15 0.81 16.87 7.73
CA LYS A 15 2.01 17.50 7.18
C LYS A 15 2.61 18.47 8.18
N GLU A 16 3.67 18.03 8.85
CA GLU A 16 4.35 18.84 9.85
C GLU A 16 5.48 19.65 9.21
N PRO A 17 5.80 20.86 9.74
CA PRO A 17 6.87 21.70 9.19
C PRO A 17 8.27 21.08 9.35
N VAL A 18 8.41 20.20 10.34
CA VAL A 18 9.67 19.53 10.60
C VAL A 18 9.40 18.20 11.29
N THR A 19 10.14 17.17 10.89
CA THR A 19 9.97 15.85 11.48
C THR A 19 11.17 15.49 12.35
N THR A 20 10.92 15.07 13.59
CA THR A 20 11.97 14.70 14.53
C THR A 20 12.76 13.49 13.99
N ARG A 21 12.04 12.50 13.48
CA ARG A 21 12.67 11.29 12.95
C ARG A 21 13.41 11.61 11.66
N GLN A 22 14.65 11.14 11.57
CA GLN A 22 15.48 11.38 10.38
C GLN A 22 14.88 10.71 9.15
N VAL A 23 14.35 9.50 9.33
CA VAL A 23 13.74 8.75 8.23
C VAL A 23 14.77 8.46 7.12
N ARG A 24 15.92 7.92 7.53
CA ARG A 24 16.99 7.58 6.60
C ARG A 24 16.54 6.55 5.58
N THR A 25 15.82 5.54 6.07
CA THR A 25 15.32 4.46 5.24
C THR A 25 14.01 3.89 5.80
N ILE A 26 13.17 3.36 4.92
CA ILE A 26 11.90 2.77 5.31
C ILE A 26 11.69 1.40 4.67
N VAL A 27 10.82 0.58 5.27
CA VAL A 27 10.55 -0.76 4.77
C VAL A 27 9.04 -1.01 4.70
N GLU A 28 8.65 -1.98 3.88
CA GLU A 28 7.24 -2.33 3.72
C GLU A 28 7.13 -3.67 3.02
N GLU A 29 7.01 -4.74 3.79
CA GLU A 29 6.90 -6.09 3.25
C GLU A 29 6.10 -6.99 4.16
N VAL A 30 5.17 -7.76 3.58
CA VAL A 30 4.33 -8.68 4.35
C VAL A 30 4.30 -10.06 3.71
N GLN A 31 3.96 -11.08 4.50
CA GLN A 31 3.89 -12.45 4.00
C GLN A 31 2.80 -12.61 2.95
N ASP A 32 1.68 -11.94 3.18
CA ASP A 32 0.55 -11.98 2.26
C ASP A 32 0.90 -11.34 0.93
N GLY A 33 0.36 -11.90 -0.15
CA GLY A 33 0.63 -11.37 -1.48
C GLY A 33 2.04 -11.64 -1.96
N LYS A 34 2.67 -12.69 -1.43
CA LYS A 34 4.04 -13.05 -1.80
C LYS A 34 4.13 -13.41 -3.28
N VAL A 35 3.16 -14.18 -3.75
CA VAL A 35 3.12 -14.61 -5.16
C VAL A 35 4.33 -15.49 -5.49
N ILE A 36 4.27 -16.76 -5.09
CA ILE A 36 5.35 -17.70 -5.33
C ILE A 36 5.53 -17.93 -6.84
N SER A 37 4.42 -18.16 -7.55
CA SER A 37 4.46 -18.39 -8.99
C SER A 37 3.18 -17.89 -9.66
N SER A 38 2.05 -18.06 -8.98
CA SER A 38 0.74 -17.63 -9.50
C SER A 38 0.42 -18.35 -10.81
N ARG A 39 0.80 -19.62 -10.91
CA ARG A 39 0.54 -20.43 -12.10
C ARG A 39 -0.36 -21.64 -11.78
N GLU A 40 -0.44 -22.00 -10.50
CA GLU A 40 -1.26 -23.13 -10.07
C GLU A 40 -2.73 -22.87 -10.35
N GLN A 41 -3.16 -21.64 -10.10
CA GLN A 41 -4.55 -21.27 -10.32
C GLN A 41 -4.87 -21.15 -11.80
N VAL A 42 -6.10 -21.50 -12.16
CA VAL A 42 -6.54 -21.43 -13.56
C VAL A 42 -7.76 -20.51 -13.69
N HIS A 43 -7.67 -19.55 -14.60
CA HIS A 43 -8.76 -18.59 -14.84
C HIS A 43 -9.04 -18.44 -16.33
N GLN A 44 -10.31 -18.20 -16.65
CA GLN A 44 -10.71 -18.04 -18.05
C GLN A 44 -11.96 -17.15 -18.15
N THR A 45 -12.16 -16.57 -19.33
CA THR A 45 -13.31 -15.69 -19.57
C THR A 45 -14.58 -16.51 -19.80
N THR A 46 -15.72 -15.84 -19.69
CA THR A 46 -17.02 -16.51 -19.89
C THR A 46 -17.22 -16.92 -21.35
N ARG A 47 -16.61 -16.16 -22.28
CA ARG A 47 -16.73 -16.45 -23.72
C ARG A 47 -18.18 -16.39 -24.18
N GLY A 1 -25.17 29.95 5.45
CA GLY A 1 -25.70 29.50 6.77
C GLY A 1 -25.99 28.00 6.80
N SER A 2 -24.95 27.21 7.02
CA SER A 2 -25.09 25.76 7.07
C SER A 2 -24.07 25.14 8.02
N THR A 3 -24.47 24.08 8.71
CA THR A 3 -23.58 23.40 9.66
C THR A 3 -22.59 22.50 8.92
N GLY A 4 -21.54 22.08 9.62
CA GLY A 4 -20.53 21.22 9.04
C GLY A 4 -19.57 21.97 8.11
N GLU A 5 -19.52 23.29 8.24
CA GLU A 5 -18.63 24.12 7.42
C GLU A 5 -17.79 25.04 8.28
N ASP A 6 -16.57 25.31 7.84
CA ASP A 6 -15.65 26.18 8.57
C ASP A 6 -15.86 27.63 8.18
N ALA A 7 -16.51 28.40 9.05
CA ALA A 7 -16.78 29.82 8.79
C ALA A 7 -16.95 30.59 10.10
N HIS A 8 -16.64 31.89 10.05
CA HIS A 8 -16.76 32.76 11.22
C HIS A 8 -15.91 32.27 12.39
N LEU A 9 -14.73 31.74 12.06
CA LEU A 9 -13.80 31.23 13.08
C LEU A 9 -12.88 32.35 13.57
N THR A 10 -12.72 32.43 14.89
CA THR A 10 -11.86 33.45 15.50
C THR A 10 -10.38 33.21 15.18
N GLN A 11 -10.01 31.94 15.03
CA GLN A 11 -8.63 31.58 14.71
C GLN A 11 -8.55 30.25 13.98
N TYR A 12 -7.44 30.03 13.28
CA TYR A 12 -7.23 28.79 12.52
C TYR A 12 -6.83 27.65 13.44
N LYS A 13 -7.27 26.44 13.12
CA LYS A 13 -6.94 25.26 13.91
C LYS A 13 -5.43 24.96 13.84
N PRO A 14 -4.87 24.29 14.87
CA PRO A 14 -3.44 23.96 14.86
C PRO A 14 -3.12 22.87 13.86
N LYS A 15 -2.11 23.10 13.02
CA LYS A 15 -1.70 22.13 12.01
C LYS A 15 -0.42 21.43 12.43
N GLU A 16 -0.57 20.20 12.92
CA GLU A 16 0.56 19.40 13.36
C GLU A 16 1.08 18.50 12.24
N PRO A 17 2.37 18.09 12.27
CA PRO A 17 2.95 17.22 11.22
C PRO A 17 2.18 15.91 11.07
N VAL A 18 2.06 15.45 9.82
CA VAL A 18 1.34 14.20 9.52
C VAL A 18 2.21 13.23 8.71
N THR A 19 3.53 13.47 8.71
CA THR A 19 4.46 12.62 7.97
C THR A 19 4.44 11.19 8.50
N THR A 20 4.32 10.22 7.59
CA THR A 20 4.28 8.82 7.96
C THR A 20 5.69 8.29 8.24
N ARG A 21 5.75 7.11 8.89
CA ARG A 21 7.03 6.49 9.23
C ARG A 21 7.02 5.01 8.85
N GLN A 22 8.22 4.47 8.60
CA GLN A 22 8.37 3.05 8.23
C GLN A 22 7.59 2.73 6.95
N VAL A 23 7.71 3.61 5.96
CA VAL A 23 7.03 3.43 4.67
C VAL A 23 8.06 3.36 3.53
N ARG A 24 8.25 2.15 3.01
CA ARG A 24 9.21 1.94 1.92
C ARG A 24 8.79 0.74 1.07
N THR A 25 9.30 0.68 -0.16
CA THR A 25 9.00 -0.42 -1.08
C THR A 25 10.28 -1.12 -1.53
N ILE A 26 10.29 -2.44 -1.42
CA ILE A 26 11.46 -3.24 -1.80
C ILE A 26 11.05 -4.41 -2.70
N VAL A 27 12.02 -4.93 -3.46
CA VAL A 27 11.77 -6.05 -4.38
C VAL A 27 12.65 -7.23 -4.01
N GLU A 28 12.02 -8.39 -3.80
CA GLU A 28 12.75 -9.61 -3.44
C GLU A 28 11.85 -10.82 -3.61
N GLU A 29 11.91 -11.43 -4.79
CA GLU A 29 11.08 -12.60 -5.08
C GLU A 29 11.78 -13.51 -6.09
N VAL A 30 11.77 -14.81 -5.82
CA VAL A 30 12.40 -15.79 -6.69
C VAL A 30 11.46 -16.97 -6.95
N GLN A 31 11.71 -17.68 -8.04
CA GLN A 31 10.88 -18.84 -8.40
C GLN A 31 11.69 -19.84 -9.24
N ASP A 32 11.23 -21.09 -9.25
CA ASP A 32 11.91 -22.14 -10.02
C ASP A 32 11.50 -22.08 -11.49
N GLY A 33 12.46 -21.75 -12.35
CA GLY A 33 12.20 -21.64 -13.78
C GLY A 33 11.75 -22.97 -14.39
N LYS A 34 12.37 -24.06 -13.96
CA LYS A 34 12.02 -25.39 -14.47
C LYS A 34 12.42 -26.47 -13.47
N VAL A 35 12.21 -27.72 -13.85
CA VAL A 35 12.53 -28.87 -13.00
C VAL A 35 13.53 -29.79 -13.71
N ILE A 36 14.64 -30.08 -13.04
CA ILE A 36 15.67 -30.95 -13.59
C ILE A 36 15.20 -32.40 -13.67
N SER A 37 14.32 -32.79 -12.75
CA SER A 37 13.79 -34.16 -12.71
C SER A 37 13.01 -34.48 -13.99
N SER A 38 12.20 -33.54 -14.43
CA SER A 38 11.39 -33.72 -15.64
C SER A 38 11.17 -32.38 -16.35
N ARG A 39 11.17 -32.41 -17.67
CA ARG A 39 10.96 -31.21 -18.48
C ARG A 39 9.77 -31.40 -19.42
N GLU A 40 9.72 -32.57 -20.05
CA GLU A 40 8.64 -32.90 -20.97
C GLU A 40 8.11 -34.31 -20.72
N GLN A 41 6.83 -34.51 -20.99
CA GLN A 41 6.19 -35.80 -20.79
C GLN A 41 5.00 -35.97 -21.73
N VAL A 42 4.62 -37.23 -21.96
CA VAL A 42 3.49 -37.54 -22.84
C VAL A 42 2.18 -36.98 -22.26
N HIS A 43 2.01 -37.15 -20.95
CA HIS A 43 0.82 -36.67 -20.26
C HIS A 43 -0.45 -37.36 -20.78
N GLN A 44 -0.46 -38.68 -20.67
CA GLN A 44 -1.59 -39.48 -21.13
C GLN A 44 -2.82 -39.25 -20.24
N THR A 45 -4.00 -39.29 -20.85
CA THR A 45 -5.25 -39.10 -20.11
C THR A 45 -6.39 -39.86 -20.77
N THR A 46 -7.39 -40.23 -19.96
CA THR A 46 -8.55 -40.97 -20.45
C THR A 46 -9.34 -40.13 -21.46
N ARG A 47 -9.53 -38.86 -21.14
CA ARG A 47 -10.26 -37.94 -22.02
C ARG A 47 -10.10 -36.50 -21.56
N GLY A 1 -4.23 31.97 -5.21
CA GLY A 1 -5.60 32.40 -4.79
C GLY A 1 -6.41 31.28 -4.17
N SER A 2 -6.98 31.54 -3.00
CA SER A 2 -7.78 30.55 -2.30
C SER A 2 -8.79 31.22 -1.38
N THR A 3 -9.81 30.45 -0.97
CA THR A 3 -10.86 30.97 -0.09
C THR A 3 -11.09 30.02 1.09
N GLY A 4 -11.70 30.55 2.15
CA GLY A 4 -11.98 29.74 3.33
C GLY A 4 -13.21 28.88 3.16
N GLU A 5 -13.49 28.06 4.17
CA GLU A 5 -14.66 27.18 4.15
C GLU A 5 -15.96 27.98 4.11
N ASP A 6 -16.00 29.07 4.87
CA ASP A 6 -17.17 29.95 4.92
C ASP A 6 -18.42 29.17 5.38
N ALA A 7 -18.25 28.35 6.42
CA ALA A 7 -19.36 27.56 6.95
C ALA A 7 -19.17 27.30 8.44
N HIS A 8 -20.28 27.10 9.15
CA HIS A 8 -20.25 26.85 10.59
C HIS A 8 -19.52 25.55 10.91
N LEU A 9 -19.75 24.52 10.07
CA LEU A 9 -19.13 23.22 10.25
C LEU A 9 -17.98 23.03 9.26
N THR A 10 -16.79 22.75 9.78
CA THR A 10 -15.61 22.55 8.95
C THR A 10 -14.89 21.26 9.33
N GLN A 11 -14.06 20.76 8.41
CA GLN A 11 -13.30 19.53 8.63
C GLN A 11 -11.82 19.75 8.35
N TYR A 12 -10.96 19.02 9.06
CA TYR A 12 -9.51 19.14 8.89
C TYR A 12 -8.88 17.77 8.65
N LYS A 13 -7.82 17.75 7.86
CA LYS A 13 -7.11 16.51 7.55
C LYS A 13 -6.38 16.00 8.79
N PRO A 14 -6.05 14.69 8.86
CA PRO A 14 -5.33 14.15 10.03
C PRO A 14 -3.99 14.86 10.19
N LYS A 15 -3.77 15.47 11.36
CA LYS A 15 -2.53 16.19 11.62
C LYS A 15 -1.65 15.39 12.58
N GLU A 16 -0.45 15.04 12.11
CA GLU A 16 0.49 14.27 12.93
C GLU A 16 1.46 15.21 13.68
N PRO A 17 1.48 15.20 15.03
CA PRO A 17 2.38 16.07 15.82
C PRO A 17 3.85 15.90 15.43
N VAL A 18 4.24 14.67 15.14
CA VAL A 18 5.61 14.35 14.76
C VAL A 18 5.57 13.44 13.55
N THR A 19 6.31 13.78 12.51
CA THR A 19 6.35 12.98 11.30
C THR A 19 7.66 12.20 11.21
N THR A 20 7.55 10.89 11.01
CA THR A 20 8.72 10.03 10.91
C THR A 20 9.45 10.22 9.58
N ARG A 21 10.70 9.77 9.52
CA ARG A 21 11.50 9.89 8.31
C ARG A 21 11.00 8.91 7.25
N GLN A 22 10.81 9.43 6.03
CA GLN A 22 10.33 8.62 4.92
C GLN A 22 11.43 7.71 4.39
N VAL A 23 11.04 6.53 3.91
CA VAL A 23 12.00 5.57 3.38
C VAL A 23 12.62 6.09 2.08
N ARG A 24 13.73 6.82 2.22
CA ARG A 24 14.43 7.40 1.07
C ARG A 24 15.71 6.60 0.73
N THR A 25 15.86 5.41 1.31
CA THR A 25 17.02 4.57 1.05
C THR A 25 16.92 3.91 -0.32
N ILE A 26 18.04 3.41 -0.82
CA ILE A 26 18.10 2.75 -2.12
C ILE A 26 18.37 1.25 -1.96
N VAL A 27 17.48 0.43 -2.51
CA VAL A 27 17.61 -1.03 -2.42
C VAL A 27 17.39 -1.67 -3.79
N GLU A 28 17.91 -2.90 -3.97
CA GLU A 28 17.77 -3.62 -5.22
C GLU A 28 18.08 -5.09 -4.99
N GLU A 29 17.04 -5.91 -4.96
CA GLU A 29 17.21 -7.33 -4.74
C GLU A 29 16.01 -8.12 -5.25
N VAL A 30 16.22 -9.42 -5.50
CA VAL A 30 15.17 -10.29 -5.99
C VAL A 30 15.29 -11.69 -5.39
N GLN A 31 14.16 -12.30 -5.05
CA GLN A 31 14.14 -13.64 -4.48
C GLN A 31 14.45 -14.68 -5.54
N ASP A 32 15.37 -15.59 -5.23
CA ASP A 32 15.76 -16.65 -6.16
C ASP A 32 14.60 -17.60 -6.43
N GLY A 33 14.50 -18.06 -7.68
CA GLY A 33 13.44 -18.98 -8.06
C GLY A 33 12.30 -18.26 -8.75
N LYS A 34 11.88 -18.80 -9.89
CA LYS A 34 10.79 -18.23 -10.67
C LYS A 34 9.48 -18.22 -9.87
N VAL A 35 9.20 -19.34 -9.19
CA VAL A 35 8.00 -19.48 -8.38
C VAL A 35 8.33 -20.06 -7.01
N ILE A 36 7.43 -19.82 -6.05
CA ILE A 36 7.61 -20.32 -4.68
C ILE A 36 7.63 -21.85 -4.63
N SER A 37 6.84 -22.48 -5.50
CA SER A 37 6.76 -23.94 -5.54
C SER A 37 6.41 -24.42 -6.95
N SER A 38 7.43 -24.59 -7.78
CA SER A 38 7.24 -25.04 -9.15
C SER A 38 6.73 -26.48 -9.18
N ARG A 39 5.78 -26.75 -10.07
CA ARG A 39 5.20 -28.08 -10.22
C ARG A 39 4.74 -28.30 -11.65
N GLU A 40 5.11 -29.44 -12.21
CA GLU A 40 4.73 -29.76 -13.58
C GLU A 40 3.22 -29.99 -13.69
N GLN A 41 2.66 -29.72 -14.87
CA GLN A 41 1.24 -29.90 -15.11
C GLN A 41 1.00 -30.58 -16.46
N VAL A 42 0.16 -31.62 -16.46
CA VAL A 42 -0.15 -32.36 -17.68
C VAL A 42 -1.62 -32.77 -17.70
N HIS A 43 -2.24 -32.69 -18.88
CA HIS A 43 -3.65 -33.05 -19.04
C HIS A 43 -3.83 -34.56 -18.98
N GLN A 44 -5.08 -34.99 -18.78
CA GLN A 44 -5.39 -36.42 -18.70
C GLN A 44 -5.33 -37.07 -20.08
N THR A 45 -4.91 -38.33 -20.11
CA THR A 45 -4.79 -39.08 -21.36
C THR A 45 -6.15 -39.57 -21.84
N THR A 46 -6.23 -39.96 -23.10
CA THR A 46 -7.47 -40.46 -23.68
C THR A 46 -7.93 -41.74 -22.98
N ARG A 47 -6.97 -42.65 -22.74
CA ARG A 47 -7.27 -43.91 -22.08
C ARG A 47 -7.47 -43.71 -20.58
N GLY A 1 -25.63 29.06 25.87
CA GLY A 1 -26.12 28.41 24.63
C GLY A 1 -25.79 29.21 23.39
N SER A 2 -25.82 28.54 22.23
CA SER A 2 -25.53 29.20 20.95
C SER A 2 -26.65 28.94 19.95
N THR A 3 -26.88 29.91 19.06
CA THR A 3 -27.92 29.79 18.04
C THR A 3 -27.53 30.55 16.78
N GLY A 4 -28.07 30.10 15.64
CA GLY A 4 -27.78 30.74 14.37
C GLY A 4 -28.50 30.07 13.21
N GLU A 5 -28.27 30.58 12.00
CA GLU A 5 -28.90 30.03 10.80
C GLU A 5 -28.03 30.27 9.58
N ASP A 6 -28.25 29.47 8.53
CA ASP A 6 -27.48 29.58 7.28
C ASP A 6 -25.99 29.42 7.53
N ALA A 7 -25.64 28.51 8.43
CA ALA A 7 -24.24 28.25 8.77
C ALA A 7 -24.04 26.80 9.21
N HIS A 8 -22.83 26.29 9.01
CA HIS A 8 -22.49 24.92 9.38
C HIS A 8 -21.14 24.87 10.09
N LEU A 9 -21.01 23.93 11.03
CA LEU A 9 -19.77 23.76 11.79
C LEU A 9 -18.98 22.54 11.29
N THR A 10 -17.74 22.79 10.87
CA THR A 10 -16.88 21.72 10.36
C THR A 10 -15.41 22.02 10.65
N GLN A 11 -14.61 20.96 10.78
CA GLN A 11 -13.18 21.10 11.05
C GLN A 11 -12.38 20.06 10.29
N TYR A 12 -11.30 20.50 9.65
CA TYR A 12 -10.44 19.60 8.88
C TYR A 12 -9.48 18.85 9.80
N LYS A 13 -9.17 17.61 9.44
CA LYS A 13 -8.26 16.78 10.24
C LYS A 13 -6.83 17.30 10.13
N PRO A 14 -5.96 17.04 11.13
CA PRO A 14 -4.58 17.50 11.09
C PRO A 14 -3.78 16.77 10.01
N LYS A 15 -3.06 17.53 9.19
CA LYS A 15 -2.26 16.94 8.12
C LYS A 15 -0.78 16.95 8.51
N GLU A 16 -0.28 15.78 8.90
CA GLU A 16 1.12 15.64 9.28
C GLU A 16 1.98 15.21 8.10
N PRO A 17 3.28 15.60 8.07
CA PRO A 17 4.19 15.25 6.97
C PRO A 17 4.55 13.76 6.99
N VAL A 18 4.86 13.22 5.82
CA VAL A 18 5.23 11.81 5.68
C VAL A 18 6.47 11.74 4.81
N THR A 19 7.51 11.08 5.28
CA THR A 19 8.74 10.95 4.52
C THR A 19 8.93 9.52 4.02
N THR A 20 9.17 9.38 2.71
CA THR A 20 9.36 8.08 2.09
C THR A 20 10.61 8.07 1.20
N ARG A 21 11.12 6.88 0.93
CA ARG A 21 12.31 6.73 0.09
C ARG A 21 12.33 5.37 -0.60
N GLN A 22 13.11 5.27 -1.67
CA GLN A 22 13.23 4.03 -2.43
C GLN A 22 13.87 2.92 -1.59
N VAL A 23 14.88 3.28 -0.80
CA VAL A 23 15.56 2.30 0.05
C VAL A 23 14.99 2.33 1.46
N ARG A 24 14.17 1.33 1.78
CA ARG A 24 13.55 1.21 3.11
C ARG A 24 13.71 -0.21 3.65
N THR A 25 13.81 -0.31 4.97
CA THR A 25 13.95 -1.61 5.63
C THR A 25 12.69 -2.45 5.46
N ILE A 26 12.86 -3.70 5.03
CA ILE A 26 11.73 -4.61 4.82
C ILE A 26 11.99 -5.96 5.50
N VAL A 27 10.91 -6.70 5.76
CA VAL A 27 11.01 -8.00 6.39
C VAL A 27 9.98 -8.98 5.81
N GLU A 28 10.38 -10.23 5.64
CA GLU A 28 9.50 -11.26 5.10
C GLU A 28 9.92 -12.61 5.64
N GLU A 29 11.07 -13.10 5.19
CA GLU A 29 11.61 -14.38 5.64
C GLU A 29 10.57 -15.51 5.54
N VAL A 30 9.79 -15.48 4.47
CA VAL A 30 8.77 -16.50 4.24
C VAL A 30 8.65 -16.84 2.75
N GLN A 31 8.47 -18.12 2.44
CA GLN A 31 8.34 -18.57 1.06
C GLN A 31 7.17 -19.56 0.92
N ASP A 32 6.33 -19.31 -0.08
CA ASP A 32 5.17 -20.17 -0.34
C ASP A 32 5.58 -21.47 -1.01
N GLY A 33 4.77 -22.51 -0.83
CA GLY A 33 5.06 -23.81 -1.42
C GLY A 33 4.57 -23.95 -2.86
N LYS A 34 3.90 -22.92 -3.39
CA LYS A 34 3.40 -22.94 -4.76
C LYS A 34 4.53 -23.09 -5.77
N VAL A 35 5.62 -22.35 -5.55
CA VAL A 35 6.79 -22.39 -6.44
C VAL A 35 7.92 -23.23 -5.85
N ILE A 36 7.58 -24.15 -4.96
CA ILE A 36 8.57 -25.02 -4.33
C ILE A 36 9.27 -25.93 -5.36
N SER A 37 8.52 -26.34 -6.38
CA SER A 37 9.06 -27.21 -7.42
C SER A 37 10.18 -26.51 -8.19
N SER A 38 9.99 -25.22 -8.47
CA SER A 38 10.99 -24.44 -9.20
C SER A 38 10.91 -22.97 -8.79
N ARG A 39 12.08 -22.32 -8.73
CA ARG A 39 12.16 -20.91 -8.36
C ARG A 39 13.28 -20.20 -9.11
N GLU A 40 14.38 -20.92 -9.36
CA GLU A 40 15.52 -20.36 -10.07
C GLU A 40 15.14 -19.97 -11.50
N GLN A 41 14.35 -20.82 -12.14
CA GLN A 41 13.91 -20.57 -13.51
C GLN A 41 12.88 -19.44 -13.56
N VAL A 42 12.95 -18.64 -14.63
CA VAL A 42 12.03 -17.52 -14.81
C VAL A 42 10.59 -18.03 -14.95
N HIS A 43 10.42 -19.09 -15.74
CA HIS A 43 9.10 -19.68 -15.97
C HIS A 43 9.25 -21.15 -16.35
N GLN A 44 8.26 -21.97 -16.01
CA GLN A 44 8.29 -23.40 -16.32
C GLN A 44 8.36 -23.64 -17.83
N THR A 45 7.59 -22.89 -18.61
CA THR A 45 7.58 -23.03 -20.06
C THR A 45 7.75 -21.67 -20.73
N THR A 46 8.17 -21.70 -22.00
CA THR A 46 8.38 -20.48 -22.76
C THR A 46 7.08 -19.72 -22.99
N ARG A 47 5.99 -20.46 -23.19
CA ARG A 47 4.68 -19.87 -23.43
C ARG A 47 4.17 -19.19 -22.15
N GLY A 1 -36.84 41.43 19.92
CA GLY A 1 -35.87 40.32 19.75
C GLY A 1 -35.39 40.19 18.32
N SER A 2 -34.11 40.51 18.09
CA SER A 2 -33.51 40.42 16.75
C SER A 2 -32.24 39.58 16.78
N THR A 3 -31.96 38.90 15.68
CA THR A 3 -30.78 38.05 15.56
C THR A 3 -30.01 38.35 14.27
N GLY A 4 -28.74 37.96 14.25
CA GLY A 4 -27.92 38.20 13.07
C GLY A 4 -28.13 37.16 11.99
N GLU A 5 -27.45 37.34 10.86
CA GLU A 5 -27.59 36.41 9.73
C GLU A 5 -27.05 35.03 10.10
N ASP A 6 -27.84 34.01 9.79
CA ASP A 6 -27.45 32.62 10.08
C ASP A 6 -26.19 32.23 9.31
N ALA A 7 -25.35 31.43 9.94
CA ALA A 7 -24.12 30.96 9.32
C ALA A 7 -23.70 29.60 9.87
N HIS A 8 -22.93 28.86 9.08
CA HIS A 8 -22.47 27.53 9.48
C HIS A 8 -21.02 27.61 9.97
N LEU A 9 -20.81 27.26 11.24
CA LEU A 9 -19.49 27.29 11.85
C LEU A 9 -18.93 25.88 12.02
N THR A 10 -17.74 25.64 11.48
CA THR A 10 -17.09 24.34 11.55
C THR A 10 -15.65 24.47 12.07
N GLN A 11 -15.10 23.36 12.57
CA GLN A 11 -13.74 23.36 13.10
C GLN A 11 -13.02 22.06 12.72
N TYR A 12 -11.78 22.20 12.24
CA TYR A 12 -10.97 21.05 11.83
C TYR A 12 -9.60 21.11 12.51
N LYS A 13 -9.05 19.94 12.82
CA LYS A 13 -7.74 19.85 13.46
C LYS A 13 -6.64 20.33 12.50
N PRO A 14 -5.50 20.84 13.02
CA PRO A 14 -4.40 21.31 12.18
C PRO A 14 -3.68 20.16 11.51
N LYS A 15 -3.49 20.25 10.18
CA LYS A 15 -2.81 19.21 9.43
C LYS A 15 -1.39 19.65 9.07
N GLU A 16 -0.42 19.14 9.82
CA GLU A 16 0.98 19.47 9.59
C GLU A 16 1.65 18.43 8.68
N PRO A 17 2.70 18.81 7.91
CA PRO A 17 3.39 17.88 7.01
C PRO A 17 3.94 16.66 7.74
N VAL A 18 3.85 15.49 7.11
CA VAL A 18 4.33 14.25 7.69
C VAL A 18 5.14 13.51 6.63
N THR A 19 6.40 13.24 6.94
CA THR A 19 7.27 12.54 6.00
C THR A 19 7.03 11.03 6.03
N THR A 20 7.51 10.34 5.01
CA THR A 20 7.35 8.91 4.92
C THR A 20 8.36 8.19 5.82
N ARG A 21 8.12 6.90 6.05
CA ARG A 21 9.01 6.08 6.89
C ARG A 21 10.41 5.98 6.30
N GLN A 22 10.49 5.83 4.97
CA GLN A 22 11.79 5.71 4.28
C GLN A 22 12.59 4.53 4.82
N VAL A 23 11.90 3.42 5.09
CA VAL A 23 12.56 2.22 5.61
C VAL A 23 12.51 1.11 4.55
N ARG A 24 13.66 0.82 3.96
CA ARG A 24 13.77 -0.22 2.94
C ARG A 24 14.98 -1.11 3.20
N THR A 25 14.86 -2.39 2.84
CA THR A 25 15.94 -3.36 3.04
C THR A 25 16.25 -4.08 1.73
N ILE A 26 17.55 -4.19 1.41
CA ILE A 26 18.00 -4.84 0.19
C ILE A 26 17.58 -6.32 0.17
N VAL A 27 17.80 -7.01 1.29
CA VAL A 27 17.46 -8.43 1.40
C VAL A 27 16.67 -8.73 2.67
N GLU A 28 15.91 -9.82 2.65
CA GLU A 28 15.11 -10.21 3.82
C GLU A 28 14.72 -11.69 3.74
N GLU A 29 15.60 -12.50 3.16
CA GLU A 29 15.36 -13.94 3.03
C GLU A 29 16.04 -14.70 4.16
N VAL A 30 15.25 -15.49 4.89
CA VAL A 30 15.76 -16.27 6.01
C VAL A 30 16.76 -17.33 5.55
N GLN A 31 16.49 -17.94 4.39
CA GLN A 31 17.36 -18.97 3.83
C GLN A 31 17.36 -18.91 2.30
N ASP A 32 18.55 -18.97 1.71
CA ASP A 32 18.68 -18.93 0.26
C ASP A 32 18.34 -20.29 -0.37
N GLY A 33 17.94 -20.26 -1.64
CA GLY A 33 17.59 -21.48 -2.34
C GLY A 33 16.09 -21.71 -2.38
N LYS A 34 15.56 -21.93 -3.58
CA LYS A 34 14.14 -22.16 -3.77
C LYS A 34 13.90 -23.16 -4.91
N VAL A 35 13.07 -24.16 -4.65
CA VAL A 35 12.75 -25.18 -5.64
C VAL A 35 11.24 -25.20 -5.92
N ILE A 36 10.87 -24.93 -7.17
CA ILE A 36 9.46 -24.91 -7.57
C ILE A 36 8.90 -26.32 -7.71
N SER A 37 9.63 -27.18 -8.40
CA SER A 37 9.19 -28.57 -8.61
C SER A 37 10.38 -29.53 -8.81
N SER A 38 11.60 -29.05 -8.56
CA SER A 38 12.80 -29.87 -8.71
C SER A 38 13.01 -30.26 -10.18
N ARG A 39 12.30 -31.28 -10.65
CA ARG A 39 12.41 -31.74 -12.03
C ARG A 39 11.02 -32.10 -12.53
N GLU A 40 10.82 -31.96 -13.84
CA GLU A 40 9.52 -32.27 -14.43
C GLU A 40 9.69 -32.87 -15.83
N GLN A 41 8.66 -33.57 -16.29
CA GLN A 41 8.69 -34.20 -17.61
C GLN A 41 8.53 -33.15 -18.71
N VAL A 42 9.22 -33.37 -19.83
CA VAL A 42 9.15 -32.44 -20.96
C VAL A 42 7.78 -32.48 -21.64
N HIS A 43 7.11 -33.63 -21.58
CA HIS A 43 5.80 -33.78 -22.19
C HIS A 43 4.69 -33.33 -21.24
N GLN A 44 4.45 -32.02 -21.20
CA GLN A 44 3.42 -31.44 -20.33
C GLN A 44 2.03 -31.91 -20.75
N THR A 45 1.79 -31.97 -22.06
CA THR A 45 0.51 -32.41 -22.58
C THR A 45 0.64 -32.98 -23.99
N THR A 46 -0.30 -33.84 -24.37
CA THR A 46 -0.28 -34.46 -25.70
C THR A 46 -0.57 -33.44 -26.80
N ARG A 47 -1.36 -32.41 -26.47
CA ARG A 47 -1.72 -31.37 -27.43
C ARG A 47 -0.53 -30.46 -27.71
N GLY A 1 -24.59 18.21 -7.85
CA GLY A 1 -24.63 17.53 -6.53
C GLY A 1 -25.44 18.29 -5.51
N SER A 2 -26.58 18.84 -5.93
CA SER A 2 -27.45 19.61 -5.04
C SER A 2 -28.00 18.73 -3.91
N THR A 3 -28.28 17.46 -4.23
CA THR A 3 -28.80 16.52 -3.25
C THR A 3 -28.03 15.21 -3.27
N GLY A 4 -28.12 14.45 -2.18
CA GLY A 4 -27.43 13.18 -2.07
C GLY A 4 -26.04 13.29 -1.43
N GLU A 5 -25.56 14.51 -1.23
CA GLU A 5 -24.24 14.74 -0.63
C GLU A 5 -24.32 15.82 0.43
N ASP A 6 -23.50 15.69 1.47
CA ASP A 6 -23.46 16.66 2.57
C ASP A 6 -23.04 18.04 2.06
N ALA A 7 -22.08 18.08 1.15
CA ALA A 7 -21.58 19.33 0.58
C ALA A 7 -20.91 20.19 1.65
N HIS A 8 -20.01 19.59 2.42
CA HIS A 8 -19.29 20.29 3.49
C HIS A 8 -17.80 20.05 3.37
N LEU A 9 -17.01 21.05 3.75
CA LEU A 9 -15.55 20.97 3.68
C LEU A 9 -14.95 20.92 5.09
N THR A 10 -13.94 20.08 5.26
CA THR A 10 -13.27 19.93 6.55
C THR A 10 -11.80 19.55 6.38
N GLN A 11 -10.98 19.90 7.36
CA GLN A 11 -9.54 19.60 7.33
C GLN A 11 -9.10 18.94 8.64
N TYR A 12 -8.12 18.04 8.54
CA TYR A 12 -7.60 17.33 9.71
C TYR A 12 -6.09 17.17 9.61
N LYS A 13 -5.38 17.51 10.68
CA LYS A 13 -3.94 17.41 10.72
C LYS A 13 -3.50 15.94 10.77
N PRO A 14 -2.70 15.45 9.77
CA PRO A 14 -2.25 14.07 9.77
C PRO A 14 -1.17 13.86 10.83
N LYS A 15 -1.27 12.75 11.56
CA LYS A 15 -0.29 12.45 12.60
C LYS A 15 0.68 11.38 12.14
N GLU A 16 1.88 11.80 11.75
CA GLU A 16 2.91 10.89 11.27
C GLU A 16 3.84 10.46 12.41
N PRO A 17 4.37 9.22 12.38
CA PRO A 17 5.27 8.74 13.44
C PRO A 17 6.59 9.51 13.48
N VAL A 18 7.06 9.92 12.31
CA VAL A 18 8.31 10.67 12.20
C VAL A 18 8.36 11.43 10.88
N THR A 19 8.10 10.72 9.78
CA THR A 19 8.11 11.31 8.45
C THR A 19 6.95 10.79 7.61
N THR A 20 6.64 11.52 6.53
CA THR A 20 5.55 11.13 5.63
C THR A 20 5.87 9.79 4.95
N ARG A 21 7.12 9.64 4.50
CA ARG A 21 7.55 8.42 3.83
C ARG A 21 8.86 7.92 4.43
N GLN A 22 9.05 6.60 4.42
CA GLN A 22 10.27 5.99 4.96
C GLN A 22 11.40 6.07 3.94
N VAL A 23 12.53 6.63 4.37
CA VAL A 23 13.71 6.77 3.50
C VAL A 23 14.93 6.06 4.08
N ARG A 24 14.70 5.10 4.97
CA ARG A 24 15.78 4.34 5.59
C ARG A 24 16.60 3.57 4.56
N THR A 25 15.89 2.96 3.63
CA THR A 25 16.51 2.18 2.56
C THR A 25 16.07 2.69 1.18
N ILE A 26 17.03 2.93 0.30
CA ILE A 26 16.75 3.42 -1.04
C ILE A 26 15.90 2.41 -1.83
N VAL A 27 16.28 1.14 -1.73
CA VAL A 27 15.55 0.07 -2.43
C VAL A 27 15.49 -1.20 -1.57
N GLU A 28 14.35 -1.89 -1.64
CA GLU A 28 14.14 -3.12 -0.86
C GLU A 28 13.42 -4.15 -1.71
N GLU A 29 12.21 -3.78 -2.15
CA GLU A 29 11.39 -4.67 -2.99
C GLU A 29 11.15 -6.03 -2.33
N VAL A 30 10.17 -6.08 -1.43
CA VAL A 30 9.83 -7.32 -0.73
C VAL A 30 8.37 -7.71 -1.02
N GLN A 31 8.18 -8.96 -1.45
CA GLN A 31 6.86 -9.48 -1.77
C GLN A 31 6.62 -10.81 -1.07
N ASP A 32 5.35 -11.07 -0.73
CA ASP A 32 4.99 -12.32 -0.05
C ASP A 32 4.98 -13.49 -1.02
N GLY A 33 5.16 -14.69 -0.48
CA GLY A 33 5.18 -15.90 -1.32
C GLY A 33 3.86 -16.13 -2.04
N LYS A 34 2.75 -15.89 -1.35
CA LYS A 34 1.44 -16.08 -1.93
C LYS A 34 1.18 -15.07 -3.06
N VAL A 35 0.78 -15.57 -4.22
CA VAL A 35 0.50 -14.72 -5.38
C VAL A 35 -0.90 -15.01 -5.92
N ILE A 36 -1.73 -13.96 -5.99
CA ILE A 36 -3.12 -14.04 -6.49
C ILE A 36 -3.85 -15.32 -6.00
N SER A 37 -4.08 -15.38 -4.70
CA SER A 37 -4.77 -16.52 -4.08
C SER A 37 -4.06 -17.83 -4.39
N SER A 38 -3.26 -18.31 -3.43
CA SER A 38 -2.51 -19.55 -3.60
C SER A 38 -2.26 -20.22 -2.26
N ARG A 39 -2.29 -21.56 -2.24
CA ARG A 39 -2.07 -22.33 -1.02
C ARG A 39 -1.04 -23.43 -1.25
N GLU A 40 -1.13 -24.09 -2.41
CA GLU A 40 -0.20 -25.16 -2.76
C GLU A 40 0.40 -24.96 -4.15
N GLN A 41 -0.39 -24.39 -5.06
CA GLN A 41 0.05 -24.15 -6.42
C GLN A 41 1.10 -23.05 -6.48
N VAL A 42 2.08 -23.21 -7.36
CA VAL A 42 3.15 -22.22 -7.53
C VAL A 42 3.40 -21.92 -9.01
N HIS A 43 3.98 -20.76 -9.28
CA HIS A 43 4.26 -20.34 -10.65
C HIS A 43 5.39 -19.31 -10.70
N GLN A 44 6.01 -19.16 -11.86
CA GLN A 44 7.10 -18.21 -12.05
C GLN A 44 6.60 -16.89 -12.63
N THR A 45 5.57 -16.96 -13.48
CA THR A 45 4.99 -15.77 -14.10
C THR A 45 3.49 -15.71 -13.84
N THR A 46 3.03 -14.55 -13.37
CA THR A 46 1.61 -14.35 -13.07
C THR A 46 0.76 -14.35 -14.35
N ARG A 47 1.34 -13.92 -15.45
CA ARG A 47 0.64 -13.87 -16.74
C ARG A 47 0.43 -15.27 -17.29
N GLY A 1 -23.13 34.95 -6.54
CA GLY A 1 -21.91 35.43 -5.86
C GLY A 1 -22.16 35.88 -4.43
N SER A 2 -21.50 35.23 -3.47
CA SER A 2 -21.67 35.57 -2.06
C SER A 2 -20.39 35.30 -1.29
N THR A 3 -20.10 36.14 -0.30
CA THR A 3 -18.91 36.01 0.52
C THR A 3 -19.25 36.09 2.01
N GLY A 4 -18.34 35.58 2.85
CA GLY A 4 -18.56 35.59 4.28
C GLY A 4 -17.39 35.01 5.06
N GLU A 5 -17.52 34.97 6.38
CA GLU A 5 -16.47 34.43 7.24
C GLU A 5 -17.04 33.42 8.23
N ASP A 6 -16.24 32.40 8.55
CA ASP A 6 -16.68 31.36 9.49
C ASP A 6 -15.47 30.73 10.19
N ALA A 7 -15.74 29.78 11.08
CA ALA A 7 -14.69 29.09 11.83
C ALA A 7 -15.10 27.67 12.17
N HIS A 8 -14.11 26.79 12.30
CA HIS A 8 -14.36 25.39 12.64
C HIS A 8 -13.15 24.76 13.31
N LEU A 9 -13.40 23.91 14.30
CA LEU A 9 -12.34 23.23 15.04
C LEU A 9 -12.33 21.74 14.71
N THR A 10 -11.12 21.17 14.57
CA THR A 10 -10.97 19.75 14.27
C THR A 10 -10.24 19.03 15.40
N GLN A 11 -10.84 17.96 15.90
CA GLN A 11 -10.25 17.18 17.00
C GLN A 11 -9.32 16.07 16.48
N TYR A 12 -8.98 16.11 15.19
CA TYR A 12 -8.11 15.11 14.57
C TYR A 12 -6.90 15.77 13.91
N LYS A 13 -5.78 15.05 13.89
CA LYS A 13 -4.55 15.57 13.29
C LYS A 13 -4.71 15.78 11.77
N PRO A 14 -3.90 16.66 11.16
CA PRO A 14 -3.99 16.91 9.71
C PRO A 14 -3.79 15.64 8.90
N LYS A 15 -4.68 15.41 7.93
CA LYS A 15 -4.59 14.22 7.08
C LYS A 15 -4.04 14.59 5.71
N GLU A 16 -2.78 14.21 5.47
CA GLU A 16 -2.13 14.51 4.19
C GLU A 16 -2.71 13.63 3.07
N PRO A 17 -2.71 14.13 1.81
CA PRO A 17 -3.24 13.37 0.67
C PRO A 17 -2.42 12.13 0.35
N VAL A 18 -1.15 12.13 0.74
CA VAL A 18 -0.26 11.01 0.50
C VAL A 18 0.62 10.81 1.71
N THR A 19 1.20 9.62 1.83
CA THR A 19 2.07 9.32 2.97
C THR A 19 3.41 8.74 2.50
N THR A 20 4.40 8.81 3.37
CA THR A 20 5.74 8.30 3.06
C THR A 20 5.77 6.77 3.15
N ARG A 21 6.81 6.18 2.56
CA ARG A 21 6.97 4.73 2.58
C ARG A 21 8.43 4.33 2.41
N GLN A 22 8.76 3.09 2.79
CA GLN A 22 10.12 2.59 2.68
C GLN A 22 10.42 2.11 1.26
N VAL A 23 11.62 2.43 0.78
CA VAL A 23 12.04 2.04 -0.56
C VAL A 23 13.51 1.64 -0.56
N ARG A 24 13.76 0.36 -0.24
CA ARG A 24 15.12 -0.18 -0.19
C ARG A 24 16.00 0.58 0.81
N THR A 25 15.41 0.96 1.94
CA THR A 25 16.12 1.69 2.98
C THR A 25 15.58 1.36 4.36
N ILE A 26 16.43 1.53 5.38
CA ILE A 26 16.05 1.25 6.78
C ILE A 26 15.80 -0.25 6.97
N VAL A 27 14.64 -0.73 6.52
CA VAL A 27 14.28 -2.14 6.65
C VAL A 27 13.73 -2.69 5.34
N GLU A 28 13.80 -4.02 5.18
CA GLU A 28 13.31 -4.68 3.98
C GLU A 28 13.16 -6.17 4.26
N GLU A 29 11.92 -6.60 4.46
CA GLU A 29 11.64 -8.00 4.75
C GLU A 29 10.21 -8.37 4.40
N VAL A 30 9.96 -9.67 4.21
CA VAL A 30 8.63 -10.17 3.87
C VAL A 30 8.25 -11.37 4.74
N GLN A 31 6.95 -11.62 4.86
CA GLN A 31 6.46 -12.73 5.67
C GLN A 31 6.73 -14.06 4.97
N ASP A 32 7.29 -15.02 5.73
CA ASP A 32 7.60 -16.33 5.20
C ASP A 32 6.33 -17.11 4.87
N GLY A 33 6.25 -17.60 3.64
CA GLY A 33 5.08 -18.36 3.21
C GLY A 33 3.85 -17.49 2.96
N LYS A 34 4.08 -16.20 2.68
CA LYS A 34 2.99 -15.27 2.42
C LYS A 34 2.16 -15.68 1.20
N VAL A 35 2.77 -16.40 0.27
CA VAL A 35 2.10 -16.86 -0.94
C VAL A 35 2.38 -18.35 -1.20
N ILE A 36 1.53 -18.97 -2.01
CA ILE A 36 1.69 -20.38 -2.34
C ILE A 36 3.02 -20.61 -3.09
N SER A 37 3.30 -19.74 -4.05
CA SER A 37 4.52 -19.82 -4.82
C SER A 37 4.81 -18.49 -5.49
N SER A 38 6.07 -18.09 -5.48
CA SER A 38 6.47 -16.83 -6.08
C SER A 38 6.38 -16.88 -7.60
N ARG A 39 6.69 -18.03 -8.18
CA ARG A 39 6.63 -18.23 -9.62
C ARG A 39 6.52 -19.70 -9.95
N GLU A 40 6.00 -20.02 -11.13
CA GLU A 40 5.84 -21.41 -11.55
C GLU A 40 7.04 -21.88 -12.34
N GLN A 41 7.41 -21.08 -13.35
CA GLN A 41 8.55 -21.39 -14.22
C GLN A 41 8.41 -22.79 -14.85
N VAL A 42 7.20 -23.12 -15.30
CA VAL A 42 6.92 -24.42 -15.92
C VAL A 42 6.43 -24.23 -17.35
N HIS A 43 7.09 -24.89 -18.29
CA HIS A 43 6.72 -24.81 -19.70
C HIS A 43 6.72 -26.19 -20.35
N GLN A 44 5.80 -26.39 -21.30
CA GLN A 44 5.70 -27.67 -21.99
C GLN A 44 6.84 -27.85 -22.98
N THR A 45 7.29 -29.10 -23.13
CA THR A 45 8.38 -29.41 -24.04
C THR A 45 7.99 -29.17 -25.50
N THR A 46 6.73 -29.42 -25.82
CA THR A 46 6.22 -29.22 -27.17
C THR A 46 6.28 -27.74 -27.56
N ARG A 47 5.89 -26.86 -26.64
CA ARG A 47 5.90 -25.42 -26.87
C ARG A 47 4.99 -25.04 -28.05
N GLY A 1 -19.94 22.44 -10.51
CA GLY A 1 -19.52 22.64 -9.10
C GLY A 1 -18.27 21.87 -8.76
N SER A 2 -17.31 22.55 -8.13
CA SER A 2 -16.05 21.92 -7.74
C SER A 2 -16.26 20.95 -6.58
N THR A 3 -15.31 20.05 -6.40
CA THR A 3 -15.38 19.04 -5.33
C THR A 3 -14.08 19.01 -4.53
N GLY A 4 -14.16 18.45 -3.32
CA GLY A 4 -12.97 18.36 -2.47
C GLY A 4 -13.27 17.69 -1.14
N GLU A 5 -12.26 17.59 -0.29
CA GLU A 5 -12.41 16.96 1.02
C GLU A 5 -13.39 17.74 1.89
N ASP A 6 -13.32 19.07 1.81
CA ASP A 6 -14.21 19.95 2.59
C ASP A 6 -14.08 19.67 4.10
N ALA A 7 -12.86 19.40 4.54
CA ALA A 7 -12.59 19.12 5.95
C ALA A 7 -12.87 20.36 6.82
N HIS A 8 -13.39 20.12 8.02
CA HIS A 8 -13.71 21.21 8.95
C HIS A 8 -12.45 21.95 9.37
N LEU A 9 -11.37 21.19 9.60
CA LEU A 9 -10.09 21.76 10.02
C LEU A 9 -10.20 22.52 11.35
N THR A 10 -11.09 22.03 12.23
CA THR A 10 -11.31 22.66 13.53
C THR A 10 -10.96 21.67 14.65
N GLN A 11 -10.13 22.11 15.59
CA GLN A 11 -9.71 21.28 16.72
C GLN A 11 -8.99 20.01 16.25
N TYR A 12 -8.12 20.17 15.26
CA TYR A 12 -7.35 19.06 14.71
C TYR A 12 -5.85 19.37 14.71
N LYS A 13 -5.04 18.34 14.88
CA LYS A 13 -3.58 18.51 14.89
C LYS A 13 -3.08 18.95 13.52
N PRO A 14 -1.89 19.62 13.45
CA PRO A 14 -1.34 20.07 12.17
C PRO A 14 -1.13 18.91 11.20
N LYS A 15 -1.69 19.04 10.00
CA LYS A 15 -1.57 18.00 8.98
C LYS A 15 -0.58 18.41 7.90
N GLU A 16 0.62 17.83 7.96
CA GLU A 16 1.67 18.14 6.99
C GLU A 16 1.35 17.51 5.63
N PRO A 17 1.80 18.14 4.51
CA PRO A 17 1.54 17.60 3.16
C PRO A 17 2.21 16.25 2.91
N VAL A 18 3.29 15.99 3.64
CA VAL A 18 4.03 14.73 3.51
C VAL A 18 4.81 14.46 4.79
N THR A 19 4.68 13.25 5.31
CA THR A 19 5.37 12.88 6.54
C THR A 19 6.82 12.51 6.25
N THR A 20 7.63 12.49 7.31
CA THR A 20 9.05 12.15 7.18
C THR A 20 9.24 10.64 7.05
N ARG A 21 10.43 10.24 6.58
CA ARG A 21 10.75 8.83 6.42
C ARG A 21 10.69 8.09 7.75
N GLN A 22 11.26 8.70 8.80
CA GLN A 22 11.29 8.11 10.13
C GLN A 22 12.04 6.78 10.15
N VAL A 23 12.61 6.43 11.29
CA VAL A 23 13.37 5.19 11.44
C VAL A 23 12.49 3.96 11.22
N ARG A 24 11.21 4.11 11.48
CA ARG A 24 10.24 3.03 11.31
C ARG A 24 10.09 2.66 9.84
N THR A 25 10.16 1.37 9.54
CA THR A 25 10.03 0.87 8.18
C THR A 25 9.41 -0.53 8.14
N ILE A 26 8.73 -0.85 7.05
CA ILE A 26 8.09 -2.15 6.89
C ILE A 26 8.80 -2.97 5.81
N VAL A 27 9.26 -4.16 6.19
CA VAL A 27 9.97 -5.05 5.27
C VAL A 27 9.24 -6.40 5.18
N GLU A 28 8.94 -6.81 3.94
CA GLU A 28 8.25 -8.07 3.71
C GLU A 28 8.52 -8.55 2.29
N GLU A 29 8.07 -7.76 1.32
CA GLU A 29 8.25 -8.08 -0.10
C GLU A 29 7.62 -9.43 -0.45
N VAL A 30 6.42 -9.40 -1.02
CA VAL A 30 5.70 -10.61 -1.41
C VAL A 30 5.44 -10.60 -2.91
N GLN A 31 5.85 -11.68 -3.58
CA GLN A 31 5.67 -11.81 -5.02
C GLN A 31 4.21 -12.10 -5.36
N ASP A 32 3.76 -11.59 -6.50
CA ASP A 32 2.38 -11.79 -6.95
C ASP A 32 2.19 -13.19 -7.50
N GLY A 33 0.94 -13.66 -7.47
CA GLY A 33 0.63 -15.00 -7.98
C GLY A 33 0.93 -15.16 -9.46
N LYS A 34 0.65 -14.13 -10.24
CA LYS A 34 0.90 -14.15 -11.68
C LYS A 34 2.29 -13.60 -11.99
N VAL A 35 3.14 -14.46 -12.55
CA VAL A 35 4.49 -14.08 -12.90
C VAL A 35 4.90 -14.71 -14.23
N ILE A 36 5.93 -14.14 -14.86
CA ILE A 36 6.41 -14.65 -16.13
C ILE A 36 7.47 -15.72 -15.93
N SER A 37 7.29 -16.84 -16.62
CA SER A 37 8.22 -17.96 -16.53
C SER A 37 7.99 -18.94 -17.67
N SER A 38 6.72 -19.21 -17.96
CA SER A 38 6.36 -20.14 -19.02
C SER A 38 4.96 -19.84 -19.55
N ARG A 39 4.66 -20.35 -20.74
CA ARG A 39 3.35 -20.14 -21.37
C ARG A 39 2.62 -21.47 -21.60
N GLU A 40 3.37 -22.57 -21.57
CA GLU A 40 2.78 -23.89 -21.77
C GLU A 40 1.96 -24.32 -20.57
N GLN A 41 0.87 -25.04 -20.84
CA GLN A 41 -0.02 -25.52 -19.79
C GLN A 41 -0.39 -26.98 -20.02
N VAL A 42 -0.58 -27.71 -18.92
CA VAL A 42 -0.94 -29.14 -18.99
C VAL A 42 -2.11 -29.45 -18.07
N HIS A 43 -2.81 -30.54 -18.36
CA HIS A 43 -3.96 -30.98 -17.56
C HIS A 43 -3.55 -31.28 -16.12
N GLN A 44 -2.44 -32.01 -15.97
CA GLN A 44 -1.94 -32.38 -14.65
C GLN A 44 -0.87 -31.39 -14.18
N THR A 45 -1.12 -30.76 -13.04
CA THR A 45 -0.18 -29.78 -12.49
C THR A 45 1.08 -30.45 -11.95
N THR A 46 0.95 -31.70 -11.49
CA THR A 46 2.09 -32.44 -10.96
C THR A 46 3.09 -32.82 -12.05
N ARG A 47 2.61 -32.96 -13.28
CA ARG A 47 3.46 -33.32 -14.42
C ARG A 47 4.13 -34.68 -14.19
N GLY A 1 -37.86 21.40 5.36
CA GLY A 1 -37.57 22.86 5.37
C GLY A 1 -36.14 23.17 5.73
N SER A 2 -35.68 24.36 5.35
CA SER A 2 -34.31 24.78 5.64
C SER A 2 -34.13 25.05 7.13
N THR A 3 -32.88 25.05 7.58
CA THR A 3 -32.55 25.30 8.98
C THR A 3 -31.43 26.34 9.10
N GLY A 4 -31.32 26.92 10.29
CA GLY A 4 -30.28 27.92 10.53
C GLY A 4 -28.93 27.30 10.79
N GLU A 5 -27.91 28.14 10.93
CA GLU A 5 -26.55 27.67 11.18
C GLU A 5 -26.46 26.99 12.55
N ASP A 6 -25.99 25.74 12.56
CA ASP A 6 -25.85 24.97 13.80
C ASP A 6 -24.37 24.71 14.15
N ALA A 7 -23.47 25.50 13.56
CA ALA A 7 -22.03 25.35 13.80
C ALA A 7 -21.53 23.98 13.34
N HIS A 8 -21.48 23.80 12.02
CA HIS A 8 -21.02 22.53 11.44
C HIS A 8 -19.54 22.32 11.71
N LEU A 9 -19.15 21.07 11.89
CA LEU A 9 -17.76 20.72 12.16
C LEU A 9 -16.90 20.93 10.91
N THR A 10 -15.69 21.42 11.11
CA THR A 10 -14.76 21.68 10.01
C THR A 10 -14.14 20.39 9.51
N GLN A 11 -13.55 20.45 8.32
CA GLN A 11 -12.91 19.28 7.73
C GLN A 11 -11.76 19.69 6.79
N TYR A 12 -10.84 18.77 6.55
CA TYR A 12 -9.69 19.04 5.68
C TYR A 12 -9.20 17.76 5.02
N LYS A 13 -8.45 17.91 3.93
CA LYS A 13 -7.91 16.76 3.20
C LYS A 13 -6.87 16.01 4.04
N PRO A 14 -6.67 14.69 3.79
CA PRO A 14 -5.69 13.91 4.56
C PRO A 14 -4.28 14.51 4.46
N LYS A 15 -3.64 14.71 5.60
CA LYS A 15 -2.29 15.29 5.64
C LYS A 15 -1.26 14.21 5.93
N GLU A 16 -0.50 13.83 4.91
CA GLU A 16 0.53 12.82 5.05
C GLU A 16 1.74 13.36 5.82
N PRO A 17 2.50 12.48 6.53
CA PRO A 17 3.66 12.91 7.30
C PRO A 17 4.83 13.32 6.40
N VAL A 18 5.67 14.23 6.89
CA VAL A 18 6.83 14.71 6.14
C VAL A 18 8.11 14.64 6.97
N THR A 19 8.09 13.86 8.05
CA THR A 19 9.25 13.72 8.92
C THR A 19 10.34 12.89 8.27
N THR A 20 11.54 12.98 8.80
CA THR A 20 12.68 12.24 8.28
C THR A 20 12.66 10.80 8.75
N ARG A 21 13.45 9.95 8.09
CA ARG A 21 13.53 8.53 8.44
C ARG A 21 14.98 8.07 8.53
N GLN A 22 15.24 7.10 9.40
CA GLN A 22 16.59 6.57 9.59
C GLN A 22 16.59 5.05 9.51
N VAL A 23 17.69 4.49 9.01
CA VAL A 23 17.82 3.03 8.87
C VAL A 23 16.78 2.47 7.90
N ARG A 24 17.14 2.43 6.62
CA ARG A 24 16.24 1.93 5.58
C ARG A 24 15.96 0.44 5.79
N THR A 25 14.80 -0.01 5.30
CA THR A 25 14.41 -1.41 5.43
C THR A 25 13.51 -1.84 4.27
N ILE A 26 13.55 -3.13 3.94
CA ILE A 26 12.74 -3.68 2.86
C ILE A 26 11.98 -4.93 3.32
N VAL A 27 10.92 -5.28 2.58
CA VAL A 27 10.11 -6.45 2.90
C VAL A 27 9.88 -7.33 1.68
N GLU A 28 9.56 -8.59 1.92
CA GLU A 28 9.32 -9.55 0.84
C GLU A 28 8.25 -10.58 1.22
N GLU A 29 7.52 -10.32 2.32
CA GLU A 29 6.48 -11.20 2.79
C GLU A 29 5.35 -11.34 1.76
N VAL A 30 4.97 -10.21 1.16
CA VAL A 30 3.90 -10.18 0.17
C VAL A 30 4.33 -9.40 -1.09
N GLN A 31 3.66 -9.69 -2.21
CA GLN A 31 3.96 -9.01 -3.47
C GLN A 31 2.69 -8.82 -4.29
N ASP A 32 2.52 -7.60 -4.83
CA ASP A 32 1.35 -7.28 -5.63
C ASP A 32 1.30 -8.12 -6.91
N GLY A 33 0.10 -8.54 -7.30
CA GLY A 33 -0.06 -9.34 -8.50
C GLY A 33 0.24 -10.83 -8.28
N LYS A 34 0.57 -11.21 -7.05
CA LYS A 34 0.87 -12.61 -6.73
C LYS A 34 -0.36 -13.49 -6.92
N VAL A 35 -0.20 -14.59 -7.63
CA VAL A 35 -1.29 -15.53 -7.89
C VAL A 35 -0.90 -16.94 -7.42
N ILE A 36 -1.75 -17.54 -6.59
CA ILE A 36 -1.50 -18.88 -6.07
C ILE A 36 -1.72 -19.96 -7.13
N SER A 37 -2.65 -19.70 -8.05
CA SER A 37 -2.96 -20.64 -9.12
C SER A 37 -1.76 -20.85 -10.05
N SER A 38 -0.94 -19.81 -10.20
CA SER A 38 0.25 -19.87 -11.06
C SER A 38 -0.13 -20.14 -12.51
N ARG A 39 0.85 -20.05 -13.41
CA ARG A 39 0.63 -20.29 -14.84
C ARG A 39 1.51 -21.44 -15.34
N GLU A 40 2.69 -21.57 -14.75
CA GLU A 40 3.63 -22.63 -15.14
C GLU A 40 4.58 -22.96 -14.00
N GLN A 41 5.17 -24.15 -14.05
CA GLN A 41 6.11 -24.61 -13.03
C GLN A 41 7.37 -25.16 -13.67
N VAL A 42 8.50 -25.00 -12.97
CA VAL A 42 9.80 -25.48 -13.48
C VAL A 42 10.18 -24.77 -14.77
N HIS A 43 10.87 -23.64 -14.65
CA HIS A 43 11.30 -22.87 -15.81
C HIS A 43 12.52 -22.01 -15.47
N GLN A 44 13.20 -21.52 -16.52
CA GLN A 44 14.39 -20.68 -16.35
C GLN A 44 15.47 -21.40 -15.53
N THR A 45 15.64 -22.69 -15.80
CA THR A 45 16.63 -23.50 -15.10
C THR A 45 18.03 -23.25 -15.66
N THR A 46 19.04 -23.67 -14.91
CA THR A 46 20.43 -23.49 -15.33
C THR A 46 20.77 -24.38 -16.52
N ARG A 47 20.10 -25.54 -16.62
CA ARG A 47 20.34 -26.47 -17.72
C ARG A 47 19.55 -26.06 -18.96
N GLY A 1 -37.93 11.17 5.88
CA GLY A 1 -36.47 11.49 5.80
C GLY A 1 -36.15 12.53 4.74
N SER A 2 -35.02 13.20 4.90
CA SER A 2 -34.60 14.23 3.95
C SER A 2 -34.17 13.59 2.62
N THR A 3 -34.14 14.40 1.56
CA THR A 3 -33.75 13.92 0.24
C THR A 3 -32.25 13.57 0.19
N GLY A 4 -31.45 14.26 1.00
CA GLY A 4 -30.03 14.01 1.02
C GLY A 4 -29.30 14.90 2.02
N GLU A 5 -27.98 14.75 2.09
CA GLU A 5 -27.17 15.53 3.01
C GLU A 5 -27.04 16.98 2.52
N ASP A 6 -26.96 17.92 3.47
CA ASP A 6 -26.84 19.32 3.13
C ASP A 6 -26.28 20.12 4.31
N ALA A 7 -25.86 21.36 4.04
CA ALA A 7 -25.30 22.24 5.08
C ALA A 7 -24.03 21.63 5.68
N HIS A 8 -23.13 21.17 4.81
CA HIS A 8 -21.87 20.57 5.25
C HIS A 8 -20.93 21.64 5.80
N LEU A 9 -20.13 21.25 6.79
CA LEU A 9 -19.18 22.18 7.43
C LEU A 9 -17.75 21.79 7.06
N THR A 10 -16.91 22.79 6.80
CA THR A 10 -15.51 22.56 6.44
C THR A 10 -14.59 23.25 7.45
N GLN A 11 -13.63 22.49 7.97
CA GLN A 11 -12.66 23.01 8.95
C GLN A 11 -11.23 22.70 8.52
N TYR A 12 -10.31 23.61 8.86
CA TYR A 12 -8.90 23.44 8.51
C TYR A 12 -8.30 22.24 9.24
N LYS A 13 -7.63 21.37 8.49
CA LYS A 13 -7.00 20.18 9.07
C LYS A 13 -5.52 20.43 9.38
N PRO A 14 -5.12 20.50 10.68
CA PRO A 14 -3.72 20.72 11.03
C PRO A 14 -2.82 19.64 10.46
N LYS A 15 -1.71 20.05 9.85
CA LYS A 15 -0.77 19.10 9.26
C LYS A 15 0.47 18.96 10.14
N GLU A 16 0.56 17.85 10.85
CA GLU A 16 1.68 17.59 11.74
C GLU A 16 2.95 17.28 10.94
N PRO A 17 4.15 17.60 11.49
CA PRO A 17 5.41 17.34 10.80
C PRO A 17 5.75 15.85 10.75
N VAL A 18 6.52 15.46 9.75
CA VAL A 18 6.92 14.07 9.58
C VAL A 18 8.27 14.02 8.87
N THR A 19 9.21 13.27 9.43
CA THR A 19 10.53 13.15 8.84
C THR A 19 10.49 12.36 7.53
N THR A 20 9.60 11.35 7.46
CA THR A 20 9.46 10.51 6.27
C THR A 20 10.63 9.51 6.09
N ARG A 21 11.63 9.59 6.96
CA ARG A 21 12.79 8.69 6.85
C ARG A 21 12.39 7.23 7.04
N GLN A 22 13.18 6.34 6.45
CA GLN A 22 12.91 4.91 6.53
C GLN A 22 13.29 4.36 7.90
N VAL A 23 12.53 3.38 8.38
CA VAL A 23 12.78 2.77 9.68
C VAL A 23 13.75 1.60 9.52
N ARG A 24 15.04 1.90 9.62
CA ARG A 24 16.09 0.88 9.49
C ARG A 24 16.05 0.21 8.13
N THR A 25 16.94 -0.77 7.92
CA THR A 25 17.01 -1.50 6.66
C THR A 25 16.76 -2.99 6.89
N ILE A 26 15.84 -3.56 6.12
CA ILE A 26 15.50 -4.98 6.23
C ILE A 26 15.49 -5.66 4.86
N VAL A 27 15.64 -6.99 4.85
CA VAL A 27 15.65 -7.76 3.61
C VAL A 27 14.72 -8.97 3.72
N GLU A 28 14.31 -9.48 2.57
CA GLU A 28 13.42 -10.64 2.51
C GLU A 28 13.42 -11.22 1.10
N GLU A 29 14.26 -12.23 0.87
CA GLU A 29 14.35 -12.85 -0.43
C GLU A 29 14.79 -14.32 -0.31
N VAL A 30 14.10 -15.20 -1.04
CA VAL A 30 14.42 -16.62 -1.03
C VAL A 30 14.25 -17.23 -2.42
N GLN A 31 15.18 -18.11 -2.78
CA GLN A 31 15.15 -18.78 -4.09
C GLN A 31 15.34 -20.28 -3.94
N ASP A 32 14.65 -21.04 -4.79
CA ASP A 32 14.74 -22.50 -4.75
C ASP A 32 16.14 -22.98 -5.13
N GLY A 33 16.59 -24.05 -4.46
CA GLY A 33 17.92 -24.59 -4.72
C GLY A 33 18.07 -25.09 -6.15
N LYS A 34 17.03 -25.74 -6.67
CA LYS A 34 17.04 -26.28 -8.03
C LYS A 34 16.02 -25.55 -8.89
N VAL A 35 16.43 -25.13 -10.08
CA VAL A 35 15.56 -24.41 -11.04
C VAL A 35 14.71 -23.32 -10.36
N ILE A 36 15.32 -22.16 -10.14
CA ILE A 36 14.65 -21.04 -9.50
C ILE A 36 13.46 -20.57 -10.36
N SER A 37 13.68 -20.44 -11.66
CA SER A 37 12.63 -20.01 -12.58
C SER A 37 11.48 -21.01 -12.63
N SER A 38 11.82 -22.30 -12.55
CA SER A 38 10.82 -23.37 -12.58
C SER A 38 9.97 -23.33 -13.86
N ARG A 39 9.25 -24.41 -14.12
CA ARG A 39 8.41 -24.50 -15.32
C ARG A 39 7.23 -23.53 -15.19
N GLU A 40 6.72 -23.41 -13.97
CA GLU A 40 5.61 -22.53 -13.66
C GLU A 40 4.34 -22.94 -14.42
N GLN A 41 4.05 -24.23 -14.41
CA GLN A 41 2.87 -24.74 -15.09
C GLN A 41 1.62 -24.54 -14.24
N VAL A 42 0.47 -24.37 -14.91
CA VAL A 42 -0.80 -24.16 -14.22
C VAL A 42 -1.88 -25.09 -14.77
N HIS A 43 -2.91 -25.33 -13.96
CA HIS A 43 -4.01 -26.20 -14.36
C HIS A 43 -4.78 -25.62 -15.56
N GLN A 44 -4.97 -24.30 -15.53
CA GLN A 44 -5.68 -23.61 -16.61
C GLN A 44 -5.01 -22.28 -16.94
N THR A 45 -4.82 -22.02 -18.22
CA THR A 45 -4.18 -20.79 -18.68
C THR A 45 -5.04 -19.57 -18.30
N THR A 46 -6.34 -19.70 -18.51
CA THR A 46 -7.27 -18.62 -18.19
C THR A 46 -7.39 -18.40 -16.68
N ARG A 47 -7.20 -19.46 -15.90
CA ARG A 47 -7.29 -19.39 -14.45
C ARG A 47 -8.67 -18.93 -13.99
N GLY A 1 -11.47 49.33 8.50
CA GLY A 1 -12.43 48.63 9.41
C GLY A 1 -13.27 47.61 8.68
N SER A 2 -13.34 46.40 9.23
CA SER A 2 -14.12 45.32 8.62
C SER A 2 -14.66 44.38 9.70
N THR A 3 -15.86 43.85 9.47
CA THR A 3 -16.50 42.94 10.42
C THR A 3 -17.02 41.70 9.70
N GLY A 4 -17.25 40.63 10.46
CA GLY A 4 -17.75 39.40 9.89
C GLY A 4 -16.66 38.56 9.24
N GLU A 5 -17.06 37.50 8.55
CA GLU A 5 -16.12 36.61 7.88
C GLU A 5 -15.10 36.01 8.86
N ASP A 6 -15.57 35.69 10.06
CA ASP A 6 -14.72 35.11 11.11
C ASP A 6 -15.43 33.96 11.80
N ALA A 7 -15.01 32.74 11.49
CA ALA A 7 -15.60 31.54 12.08
C ALA A 7 -14.58 30.41 12.19
N HIS A 8 -14.77 29.53 13.17
CA HIS A 8 -13.87 28.40 13.38
C HIS A 8 -14.66 27.12 13.64
N LEU A 9 -14.12 25.99 13.20
CA LEU A 9 -14.76 24.68 13.37
C LEU A 9 -13.99 23.83 14.37
N THR A 10 -14.71 23.11 15.22
CA THR A 10 -14.09 22.25 16.22
C THR A 10 -13.40 21.05 15.57
N GLN A 11 -13.92 20.60 14.43
CA GLN A 11 -13.36 19.46 13.71
C GLN A 11 -12.14 19.89 12.88
N TYR A 12 -11.17 18.99 12.76
CA TYR A 12 -9.97 19.27 11.99
C TYR A 12 -10.22 19.11 10.50
N LYS A 13 -9.55 19.94 9.69
CA LYS A 13 -9.70 19.89 8.25
C LYS A 13 -9.07 18.61 7.69
N PRO A 14 -9.47 18.14 6.49
CA PRO A 14 -8.89 16.92 5.92
C PRO A 14 -7.38 17.10 5.74
N LYS A 15 -6.59 16.21 6.32
CA LYS A 15 -5.14 16.29 6.23
C LYS A 15 -4.61 15.24 5.26
N GLU A 16 -4.29 15.68 4.04
CA GLU A 16 -3.77 14.78 3.02
C GLU A 16 -2.33 14.37 3.33
N PRO A 17 -1.90 13.15 2.91
CA PRO A 17 -0.53 12.68 3.15
C PRO A 17 0.49 13.42 2.31
N VAL A 18 1.73 13.51 2.82
CA VAL A 18 2.81 14.19 2.12
C VAL A 18 4.11 13.40 2.25
N THR A 19 4.31 12.79 3.42
CA THR A 19 5.51 12.00 3.68
C THR A 19 5.16 10.67 4.33
N THR A 20 6.08 9.70 4.26
CA THR A 20 5.88 8.38 4.84
C THR A 20 7.08 7.97 5.69
N ARG A 21 6.86 7.00 6.58
CA ARG A 21 7.91 6.50 7.46
C ARG A 21 7.95 4.98 7.46
N GLN A 22 9.14 4.42 7.66
CA GLN A 22 9.31 2.97 7.67
C GLN A 22 8.71 2.37 8.95
N VAL A 23 7.86 1.36 8.78
CA VAL A 23 7.20 0.69 9.91
C VAL A 23 7.49 -0.82 9.94
N ARG A 24 8.58 -1.23 9.28
CA ARG A 24 8.95 -2.64 9.23
C ARG A 24 10.47 -2.80 9.07
N THR A 25 10.97 -3.99 9.39
CA THR A 25 12.39 -4.27 9.30
C THR A 25 12.78 -4.58 7.85
N ILE A 26 14.08 -4.55 7.58
CA ILE A 26 14.61 -4.82 6.25
C ILE A 26 14.99 -6.29 6.10
N VAL A 27 14.36 -6.97 5.14
CA VAL A 27 14.63 -8.39 4.89
C VAL A 27 14.83 -8.65 3.40
N GLU A 28 15.50 -9.76 3.08
CA GLU A 28 15.77 -10.12 1.70
C GLU A 28 16.19 -11.58 1.63
N GLU A 29 15.22 -12.45 1.39
CA GLU A 29 15.49 -13.88 1.30
C GLU A 29 14.50 -14.57 0.36
N VAL A 30 15.02 -15.42 -0.52
CA VAL A 30 14.18 -16.14 -1.48
C VAL A 30 14.54 -17.62 -1.52
N GLN A 31 13.61 -18.44 -1.99
CA GLN A 31 13.82 -19.89 -2.09
C GLN A 31 14.40 -20.31 -3.45
N ASP A 32 14.63 -19.34 -4.34
CA ASP A 32 15.17 -19.62 -5.66
C ASP A 32 16.59 -20.19 -5.57
N GLY A 33 16.92 -21.09 -6.48
CA GLY A 33 18.25 -21.70 -6.50
C GLY A 33 19.16 -21.06 -7.53
N LYS A 34 19.79 -21.89 -8.35
CA LYS A 34 20.70 -21.42 -9.39
C LYS A 34 19.97 -20.54 -10.40
N VAL A 35 18.77 -20.97 -10.80
CA VAL A 35 17.96 -20.23 -11.76
C VAL A 35 18.67 -20.12 -13.12
N ILE A 36 18.61 -21.20 -13.90
CA ILE A 36 19.24 -21.24 -15.22
C ILE A 36 18.61 -20.19 -16.15
N SER A 37 17.28 -20.17 -16.19
CA SER A 37 16.55 -19.22 -17.04
C SER A 37 15.04 -19.28 -16.78
N SER A 38 14.66 -19.49 -15.52
CA SER A 38 13.24 -19.58 -15.16
C SER A 38 12.98 -18.98 -13.77
N ARG A 39 11.86 -18.29 -13.63
CA ARG A 39 11.48 -17.66 -12.37
C ARG A 39 10.13 -18.18 -11.89
N GLU A 40 9.30 -18.68 -12.82
CA GLU A 40 7.99 -19.22 -12.49
C GLU A 40 7.81 -20.62 -13.05
N GLN A 41 7.07 -21.45 -12.32
CA GLN A 41 6.81 -22.82 -12.75
C GLN A 41 5.42 -23.27 -12.29
N VAL A 42 4.69 -23.93 -13.19
CA VAL A 42 3.34 -24.42 -12.90
C VAL A 42 3.18 -25.87 -13.33
N HIS A 43 2.20 -26.55 -12.73
CA HIS A 43 1.94 -27.95 -13.05
C HIS A 43 0.49 -28.32 -12.72
N GLN A 44 0.04 -29.45 -13.27
CA GLN A 44 -1.32 -29.94 -13.04
C GLN A 44 -1.32 -31.44 -12.78
N THR A 45 -2.02 -31.86 -11.73
CA THR A 45 -2.10 -33.27 -11.37
C THR A 45 -2.79 -34.08 -12.48
N THR A 46 -3.88 -33.52 -13.00
CA THR A 46 -4.65 -34.16 -14.07
C THR A 46 -5.22 -35.51 -13.62
N ARG A 47 -5.61 -35.58 -12.34
CA ARG A 47 -6.18 -36.80 -11.77
C ARG A 47 -5.18 -37.97 -11.84
N GLY A 1 -40.94 15.74 -4.72
CA GLY A 1 -39.98 16.77 -5.17
C GLY A 1 -39.12 17.30 -4.02
N SER A 2 -39.73 17.45 -2.86
CA SER A 2 -39.02 17.94 -1.67
C SER A 2 -37.97 16.93 -1.21
N THR A 3 -36.87 17.45 -0.68
CA THR A 3 -35.79 16.60 -0.19
C THR A 3 -35.04 17.25 0.97
N GLY A 4 -34.45 16.42 1.84
CA GLY A 4 -33.72 16.94 2.98
C GLY A 4 -32.32 17.39 2.62
N GLU A 5 -31.60 17.93 3.60
CA GLU A 5 -30.23 18.41 3.38
C GLU A 5 -29.34 18.02 4.56
N ASP A 6 -28.16 17.48 4.24
CA ASP A 6 -27.22 17.05 5.26
C ASP A 6 -25.80 16.97 4.69
N ALA A 7 -24.81 16.98 5.58
CA ALA A 7 -23.41 16.92 5.17
C ALA A 7 -22.55 16.26 6.25
N HIS A 8 -21.45 15.64 5.82
CA HIS A 8 -20.54 14.96 6.74
C HIS A 8 -19.08 15.28 6.40
N LEU A 9 -18.24 15.33 7.42
CA LEU A 9 -16.82 15.63 7.24
C LEU A 9 -15.98 14.37 7.37
N THR A 10 -15.21 14.06 6.33
CA THR A 10 -14.36 12.88 6.32
C THR A 10 -13.08 13.11 7.13
N GLN A 11 -12.40 12.02 7.46
CA GLN A 11 -11.16 12.11 8.24
C GLN A 11 -10.04 12.71 7.39
N TYR A 12 -9.34 13.69 7.95
CA TYR A 12 -8.24 14.36 7.27
C TYR A 12 -7.09 13.38 7.04
N LYS A 13 -6.57 13.35 5.81
CA LYS A 13 -5.46 12.47 5.46
C LYS A 13 -4.16 12.95 6.12
N PRO A 14 -3.50 12.11 6.98
CA PRO A 14 -2.26 12.52 7.62
C PRO A 14 -1.10 12.50 6.62
N LYS A 15 -0.28 13.54 6.65
CA LYS A 15 0.86 13.65 5.75
C LYS A 15 2.15 13.32 6.49
N GLU A 16 2.65 12.10 6.31
CA GLU A 16 3.87 11.66 6.96
C GLU A 16 5.11 11.95 6.09
N PRO A 17 6.31 12.10 6.70
CA PRO A 17 7.54 12.39 5.94
C PRO A 17 7.82 11.35 4.87
N VAL A 18 8.34 11.80 3.72
CA VAL A 18 8.66 10.91 2.61
C VAL A 18 10.08 11.18 2.08
N THR A 19 10.91 11.84 2.89
CA THR A 19 12.28 12.14 2.50
C THR A 19 13.15 10.89 2.52
N THR A 20 14.29 10.99 1.84
CA THR A 20 15.23 9.87 1.77
C THR A 20 15.86 9.58 3.13
N ARG A 21 16.20 10.64 3.85
CA ARG A 21 16.81 10.51 5.16
C ARG A 21 15.80 9.98 6.18
N GLN A 22 16.21 8.97 6.93
CA GLN A 22 15.35 8.36 7.94
C GLN A 22 15.43 9.12 9.26
N VAL A 23 14.27 9.31 9.89
CA VAL A 23 14.19 10.02 11.16
C VAL A 23 13.17 9.34 12.08
N ARG A 24 13.64 8.33 12.82
CA ARG A 24 12.80 7.59 13.76
C ARG A 24 11.63 6.92 13.03
N THR A 25 10.76 6.25 13.79
CA THR A 25 9.60 5.57 13.23
C THR A 25 10.00 4.47 12.25
N ILE A 26 10.24 3.28 12.77
CA ILE A 26 10.64 2.13 11.93
C ILE A 26 9.50 1.12 11.85
N VAL A 27 9.06 0.81 10.63
CA VAL A 27 7.98 -0.14 10.41
C VAL A 27 8.24 -0.97 9.14
N GLU A 28 7.91 -2.25 9.20
CA GLU A 28 8.08 -3.14 8.07
C GLU A 28 7.27 -4.41 8.28
N GLU A 29 6.07 -4.45 7.71
CA GLU A 29 5.19 -5.60 7.85
C GLU A 29 4.29 -5.75 6.63
N VAL A 30 4.17 -6.98 6.12
CA VAL A 30 3.33 -7.27 4.97
C VAL A 30 2.64 -8.62 5.11
N GLN A 31 1.37 -8.68 4.70
CA GLN A 31 0.59 -9.91 4.79
C GLN A 31 1.08 -10.94 3.76
N ASP A 32 1.30 -12.16 4.22
CA ASP A 32 1.76 -13.24 3.34
C ASP A 32 0.72 -13.57 2.28
N GLY A 33 1.20 -13.91 1.08
CA GLY A 33 0.31 -14.24 -0.02
C GLY A 33 0.22 -15.73 -0.25
N LYS A 34 0.35 -16.15 -1.51
CA LYS A 34 0.29 -17.56 -1.88
C LYS A 34 1.27 -17.86 -3.01
N VAL A 35 2.01 -18.96 -2.86
CA VAL A 35 3.00 -19.39 -3.87
C VAL A 35 3.87 -18.24 -4.39
N ILE A 36 4.13 -17.26 -3.53
CA ILE A 36 4.94 -16.10 -3.90
C ILE A 36 6.37 -16.50 -4.28
N SER A 37 6.88 -17.54 -3.64
CA SER A 37 8.24 -18.03 -3.92
C SER A 37 8.37 -18.52 -5.36
N SER A 38 7.31 -19.12 -5.87
CA SER A 38 7.31 -19.64 -7.25
C SER A 38 7.52 -18.52 -8.26
N ARG A 39 6.83 -17.40 -8.06
CA ARG A 39 6.93 -16.26 -8.95
C ARG A 39 6.51 -14.99 -8.25
N GLU A 40 7.15 -13.87 -8.58
CA GLU A 40 6.83 -12.59 -7.95
C GLU A 40 5.52 -12.00 -8.48
N GLN A 41 5.14 -12.37 -9.70
CA GLN A 41 3.90 -11.86 -10.31
C GLN A 41 3.31 -12.90 -11.27
N VAL A 42 1.98 -12.97 -11.28
CA VAL A 42 1.28 -13.91 -12.15
C VAL A 42 1.13 -13.32 -13.56
N HIS A 43 1.57 -14.08 -14.56
CA HIS A 43 1.50 -13.66 -15.96
C HIS A 43 0.96 -14.79 -16.84
N GLN A 44 0.21 -14.42 -17.87
CA GLN A 44 -0.36 -15.40 -18.80
C GLN A 44 0.73 -16.16 -19.56
N THR A 45 1.90 -15.54 -19.72
CA THR A 45 3.02 -16.15 -20.43
C THR A 45 4.23 -16.26 -19.51
N THR A 46 4.82 -17.46 -19.44
CA THR A 46 5.98 -17.70 -18.60
C THR A 46 7.22 -16.97 -19.12
N ARG A 47 7.29 -16.77 -20.44
CA ARG A 47 8.41 -16.09 -21.06
C ARG A 47 8.07 -15.64 -22.47
N GLY A 1 -38.04 27.73 17.45
CA GLY A 1 -38.37 29.18 17.37
C GLY A 1 -37.13 30.06 17.47
N SER A 2 -36.77 30.41 18.69
CA SER A 2 -35.59 31.26 18.92
C SER A 2 -34.31 30.52 18.55
N THR A 3 -33.33 31.27 18.07
CA THR A 3 -32.04 30.70 17.66
C THR A 3 -30.88 31.48 18.28
N GLY A 4 -29.71 30.84 18.33
CA GLY A 4 -28.54 31.47 18.89
C GLY A 4 -27.86 32.41 17.91
N GLU A 5 -26.79 33.07 18.36
CA GLU A 5 -26.04 34.00 17.51
C GLU A 5 -25.23 33.24 16.46
N ASP A 6 -25.11 33.83 15.28
CA ASP A 6 -24.36 33.23 14.19
C ASP A 6 -22.88 33.60 14.27
N ALA A 7 -22.06 32.65 14.68
CA ALA A 7 -20.62 32.87 14.81
C ALA A 7 -19.83 31.59 14.57
N HIS A 8 -18.60 31.73 14.11
CA HIS A 8 -17.73 30.58 13.84
C HIS A 8 -16.33 30.82 14.39
N LEU A 9 -15.67 29.73 14.80
CA LEU A 9 -14.31 29.82 15.34
C LEU A 9 -13.30 29.20 14.37
N THR A 10 -12.14 29.84 14.26
CA THR A 10 -11.09 29.38 13.36
C THR A 10 -10.53 28.04 13.86
N GLN A 11 -10.44 27.08 12.93
CA GLN A 11 -9.91 25.74 13.26
C GLN A 11 -8.81 25.35 12.28
N TYR A 12 -7.84 24.58 12.77
CA TYR A 12 -6.73 24.13 11.95
C TYR A 12 -7.11 22.90 11.15
N LYS A 13 -6.64 22.83 9.90
CA LYS A 13 -6.92 21.71 9.01
C LYS A 13 -5.81 20.66 9.10
N PRO A 14 -6.09 19.46 9.67
CA PRO A 14 -5.07 18.41 9.76
C PRO A 14 -4.56 18.00 8.39
N LYS A 15 -3.24 17.91 8.24
CA LYS A 15 -2.64 17.52 6.97
C LYS A 15 -2.18 16.07 6.99
N GLU A 16 -2.97 15.19 6.39
CA GLU A 16 -2.65 13.77 6.34
C GLU A 16 -1.52 13.50 5.34
N PRO A 17 -0.71 12.45 5.57
CA PRO A 17 0.41 12.11 4.67
C PRO A 17 -0.09 11.57 3.32
N VAL A 18 0.71 11.81 2.28
CA VAL A 18 0.37 11.37 0.92
C VAL A 18 1.60 10.74 0.27
N THR A 19 2.75 11.36 0.50
CA THR A 19 4.00 10.88 -0.05
C THR A 19 4.38 9.51 0.51
N THR A 20 4.97 8.68 -0.35
CA THR A 20 5.38 7.34 0.05
C THR A 20 6.69 7.37 0.82
N ARG A 21 7.00 6.27 1.51
CA ARG A 21 8.23 6.18 2.29
C ARG A 21 8.67 4.72 2.44
N GLN A 22 9.94 4.52 2.78
CA GLN A 22 10.49 3.18 2.95
C GLN A 22 9.92 2.52 4.19
N VAL A 23 9.43 1.29 4.03
CA VAL A 23 8.86 0.54 5.15
C VAL A 23 9.90 -0.41 5.73
N ARG A 24 10.63 0.07 6.72
CA ARG A 24 11.66 -0.72 7.38
C ARG A 24 11.05 -1.83 8.23
N THR A 25 11.71 -2.98 8.28
CA THR A 25 11.23 -4.13 9.05
C THR A 25 12.35 -4.68 9.93
N ILE A 26 11.96 -5.44 10.97
CA ILE A 26 12.92 -6.03 11.88
C ILE A 26 13.80 -7.05 11.16
N VAL A 27 13.17 -7.88 10.33
CA VAL A 27 13.88 -8.91 9.57
C VAL A 27 13.28 -9.07 8.18
N GLU A 28 14.14 -9.26 7.18
CA GLU A 28 13.70 -9.43 5.79
C GLU A 28 14.15 -10.79 5.23
N GLU A 29 15.24 -11.32 5.80
CA GLU A 29 15.79 -12.60 5.39
C GLU A 29 14.79 -13.73 5.63
N VAL A 30 14.58 -14.56 4.61
CA VAL A 30 13.66 -15.69 4.70
C VAL A 30 14.29 -16.96 4.13
N GLN A 31 13.74 -18.11 4.52
CA GLN A 31 14.24 -19.40 4.05
C GLN A 31 13.54 -19.88 2.76
N ASP A 32 12.61 -19.08 2.25
CA ASP A 32 11.87 -19.42 1.04
C ASP A 32 12.71 -19.09 -0.20
N GLY A 33 13.12 -20.12 -0.93
CA GLY A 33 13.91 -19.93 -2.14
C GLY A 33 13.18 -19.12 -3.20
N LYS A 34 11.89 -19.38 -3.35
CA LYS A 34 11.07 -18.67 -4.35
C LYS A 34 11.59 -18.90 -5.76
N VAL A 35 11.07 -19.93 -6.43
CA VAL A 35 11.47 -20.26 -7.79
C VAL A 35 10.26 -20.49 -8.70
N ILE A 36 10.46 -20.36 -10.01
CA ILE A 36 9.38 -20.54 -10.98
C ILE A 36 8.86 -22.00 -10.93
N SER A 37 9.79 -22.95 -10.90
CA SER A 37 9.43 -24.36 -10.87
C SER A 37 10.51 -25.16 -10.14
N SER A 38 10.11 -25.90 -9.12
CA SER A 38 11.03 -26.71 -8.34
C SER A 38 11.53 -27.93 -9.13
N ARG A 39 10.78 -28.32 -10.16
CA ARG A 39 11.14 -29.48 -11.00
C ARG A 39 11.40 -29.06 -12.45
N GLU A 40 11.66 -27.77 -12.67
CA GLU A 40 11.92 -27.24 -14.01
C GLU A 40 10.73 -27.46 -14.93
N GLN A 41 10.87 -27.04 -16.19
CA GLN A 41 9.80 -27.19 -17.18
C GLN A 41 10.37 -27.44 -18.57
N VAL A 42 9.89 -28.49 -19.22
CA VAL A 42 10.34 -28.85 -20.57
C VAL A 42 9.20 -29.46 -21.38
N HIS A 43 8.40 -30.31 -20.72
CA HIS A 43 7.27 -30.98 -21.36
C HIS A 43 7.70 -31.82 -22.57
N GLN A 44 8.77 -32.61 -22.40
CA GLN A 44 9.28 -33.46 -23.47
C GLN A 44 8.25 -34.52 -23.87
N THR A 45 7.56 -35.07 -22.87
CA THR A 45 6.53 -36.10 -23.10
C THR A 45 7.09 -37.32 -23.82
N THR A 46 8.40 -37.52 -23.74
CA THR A 46 9.05 -38.66 -24.39
C THR A 46 9.18 -39.81 -23.41
N ARG A 47 8.24 -40.76 -23.48
CA ARG A 47 8.24 -41.92 -22.60
C ARG A 47 9.23 -42.97 -23.09
N GLY A 1 -27.73 8.13 17.88
CA GLY A 1 -27.52 9.61 17.97
C GLY A 1 -26.79 10.16 16.77
N SER A 2 -27.52 10.84 15.88
CA SER A 2 -26.94 11.42 14.68
C SER A 2 -26.05 12.62 15.03
N THR A 3 -25.17 12.98 14.11
CA THR A 3 -24.25 14.11 14.32
C THR A 3 -23.91 14.79 12.99
N GLY A 4 -23.60 16.08 13.07
CA GLY A 4 -23.26 16.84 11.88
C GLY A 4 -21.81 16.63 11.45
N GLU A 5 -21.44 17.25 10.34
CA GLU A 5 -20.07 17.14 9.83
C GLU A 5 -19.07 17.76 10.79
N ASP A 6 -17.98 17.04 11.07
CA ASP A 6 -16.95 17.52 11.98
C ASP A 6 -15.90 18.33 11.20
N ALA A 7 -15.94 19.64 11.37
CA ALA A 7 -15.01 20.54 10.70
C ALA A 7 -14.76 21.79 11.52
N HIS A 8 -13.57 22.38 11.35
CA HIS A 8 -13.20 23.59 12.07
C HIS A 8 -12.12 24.38 11.33
N LEU A 9 -11.94 25.64 11.71
CA LEU A 9 -10.94 26.50 11.08
C LEU A 9 -9.79 26.78 12.05
N THR A 10 -8.56 26.74 11.53
CA THR A 10 -7.37 27.00 12.34
C THR A 10 -6.53 28.11 11.70
N GLN A 11 -6.14 29.09 12.51
CA GLN A 11 -5.35 30.22 12.04
C GLN A 11 -3.98 29.79 11.51
N TYR A 12 -3.37 28.85 12.21
CA TYR A 12 -2.06 28.33 11.84
C TYR A 12 -2.06 26.80 11.77
N LYS A 13 -1.32 26.26 10.81
CA LYS A 13 -1.23 24.81 10.64
C LYS A 13 -0.44 24.17 11.78
N PRO A 14 -0.67 22.86 12.06
CA PRO A 14 0.06 22.18 13.13
C PRO A 14 1.47 21.79 12.69
N LYS A 15 2.47 22.23 13.44
CA LYS A 15 3.86 21.92 13.12
C LYS A 15 4.40 20.85 14.08
N GLU A 16 4.45 19.62 13.59
CA GLU A 16 4.94 18.49 14.38
C GLU A 16 6.43 18.26 14.14
N PRO A 17 7.17 17.66 15.11
CA PRO A 17 8.61 17.40 14.95
C PRO A 17 8.93 16.59 13.69
N VAL A 18 8.07 15.64 13.38
CA VAL A 18 8.23 14.79 12.20
C VAL A 18 6.90 14.69 11.48
N THR A 19 6.81 15.28 10.29
CA THR A 19 5.59 15.24 9.53
C THR A 19 5.31 13.85 8.97
N THR A 20 6.38 13.10 8.67
CA THR A 20 6.26 11.75 8.13
C THR A 20 5.53 11.75 6.78
N ARG A 21 5.75 10.69 6.00
CA ARG A 21 5.12 10.57 4.68
C ARG A 21 3.63 10.27 4.83
N GLN A 22 2.83 10.83 3.93
CA GLN A 22 1.39 10.63 3.94
C GLN A 22 1.00 9.41 3.11
N VAL A 23 0.34 8.44 3.74
CA VAL A 23 -0.08 7.23 3.06
C VAL A 23 1.11 6.47 2.47
N ARG A 24 1.78 5.69 3.32
CA ARG A 24 2.95 4.90 2.89
C ARG A 24 2.74 3.42 3.19
N THR A 25 2.96 2.58 2.18
CA THR A 25 2.80 1.13 2.34
C THR A 25 4.01 0.40 1.78
N ILE A 26 4.19 -0.86 2.21
CA ILE A 26 5.31 -1.68 1.77
C ILE A 26 4.81 -2.81 0.86
N VAL A 27 5.37 -2.88 -0.34
CA VAL A 27 4.97 -3.91 -1.31
C VAL A 27 5.39 -5.30 -0.82
N GLU A 28 4.50 -6.27 -1.00
CA GLU A 28 4.76 -7.64 -0.59
C GLU A 28 3.84 -8.63 -1.32
N GLU A 29 3.55 -8.32 -2.58
CA GLU A 29 2.69 -9.16 -3.41
C GLU A 29 3.53 -9.96 -4.41
N VAL A 30 3.32 -11.28 -4.41
CA VAL A 30 4.05 -12.18 -5.31
C VAL A 30 3.10 -13.14 -6.01
N GLN A 31 3.55 -13.70 -7.14
CA GLN A 31 2.75 -14.64 -7.92
C GLN A 31 3.54 -15.92 -8.22
N ASP A 32 2.85 -17.04 -8.28
CA ASP A 32 3.48 -18.32 -8.56
C ASP A 32 4.08 -18.35 -9.96
N GLY A 33 5.21 -19.04 -10.11
CA GLY A 33 5.88 -19.13 -11.39
C GLY A 33 5.62 -20.46 -12.07
N LYS A 34 6.68 -21.11 -12.52
CA LYS A 34 6.58 -22.39 -13.20
C LYS A 34 6.00 -23.48 -12.29
N VAL A 35 6.16 -23.30 -10.98
CA VAL A 35 5.66 -24.27 -9.99
C VAL A 35 6.32 -25.64 -10.16
N ILE A 36 7.15 -26.01 -9.20
CA ILE A 36 7.85 -27.28 -9.23
C ILE A 36 6.90 -28.46 -9.06
N SER A 37 5.82 -28.25 -8.32
CA SER A 37 4.81 -29.28 -8.07
C SER A 37 4.14 -29.71 -9.37
N SER A 38 3.86 -28.75 -10.24
CA SER A 38 3.22 -29.02 -11.52
C SER A 38 4.18 -29.75 -12.46
N ARG A 39 3.61 -30.39 -13.48
CA ARG A 39 4.41 -31.12 -14.46
C ARG A 39 3.62 -31.28 -15.76
N GLU A 40 4.32 -31.59 -16.84
CA GLU A 40 3.67 -31.77 -18.13
C GLU A 40 4.03 -33.11 -18.75
N GLN A 41 3.10 -33.67 -19.52
CA GLN A 41 3.32 -34.95 -20.17
C GLN A 41 2.86 -34.91 -21.62
N VAL A 42 3.53 -35.68 -22.47
CA VAL A 42 3.19 -35.75 -23.90
C VAL A 42 3.10 -37.19 -24.38
N HIS A 43 2.39 -37.39 -25.49
CA HIS A 43 2.23 -38.73 -26.06
C HIS A 43 1.91 -38.66 -27.55
N GLN A 44 2.06 -39.79 -28.24
CA GLN A 44 1.79 -39.87 -29.68
C GLN A 44 0.88 -41.05 -29.99
N THR A 45 0.05 -40.89 -31.02
CA THR A 45 -0.87 -41.95 -31.44
C THR A 45 -0.58 -42.38 -32.87
N THR A 46 -0.44 -43.69 -33.08
CA THR A 46 -0.16 -44.24 -34.40
C THR A 46 -1.35 -44.08 -35.35
N ARG A 47 -2.56 -44.07 -34.78
CA ARG A 47 -3.78 -43.94 -35.58
C ARG A 47 -3.93 -42.50 -36.08
N GLY A 1 -11.37 36.94 9.33
CA GLY A 1 -11.60 35.69 8.56
C GLY A 1 -10.48 34.69 8.72
N SER A 2 -10.76 33.42 8.42
CA SER A 2 -9.76 32.35 8.53
C SER A 2 -9.21 32.24 9.97
N THR A 3 -10.10 32.44 10.95
CA THR A 3 -9.72 32.37 12.36
C THR A 3 -10.50 31.26 13.07
N GLY A 4 -9.78 30.40 13.77
CA GLY A 4 -10.41 29.30 14.49
C GLY A 4 -10.71 28.12 13.57
N GLU A 5 -11.44 27.14 14.11
CA GLU A 5 -11.80 25.96 13.34
C GLU A 5 -13.12 25.36 13.85
N ASP A 6 -13.79 24.60 12.99
CA ASP A 6 -15.06 23.97 13.34
C ASP A 6 -14.88 22.94 14.46
N ALA A 7 -15.85 22.90 15.37
CA ALA A 7 -15.81 21.96 16.50
C ALA A 7 -15.82 20.52 16.03
N HIS A 8 -16.63 20.24 14.99
CA HIS A 8 -16.74 18.90 14.44
C HIS A 8 -15.39 18.40 13.90
N LEU A 9 -14.70 19.26 13.15
CA LEU A 9 -13.39 18.92 12.57
C LEU A 9 -13.51 17.72 11.62
N THR A 10 -13.64 18.02 10.33
CA THR A 10 -13.76 16.98 9.31
C THR A 10 -12.42 16.35 9.01
N GLN A 11 -12.44 15.19 8.36
CA GLN A 11 -11.21 14.48 8.01
C GLN A 11 -10.55 15.10 6.78
N TYR A 12 -9.23 15.09 6.75
CA TYR A 12 -8.46 15.66 5.64
C TYR A 12 -7.11 14.97 5.50
N LYS A 13 -6.49 15.11 4.33
CA LYS A 13 -5.20 14.51 4.07
C LYS A 13 -4.09 15.23 4.85
N PRO A 14 -3.34 14.53 5.74
CA PRO A 14 -2.27 15.17 6.50
C PRO A 14 -1.05 15.40 5.61
N LYS A 15 -0.61 16.66 5.52
CA LYS A 15 0.54 17.01 4.70
C LYS A 15 1.77 17.24 5.58
N GLU A 16 2.66 16.25 5.60
CA GLU A 16 3.88 16.34 6.41
C GLU A 16 5.04 16.88 5.56
N PRO A 17 5.66 18.03 5.94
CA PRO A 17 6.79 18.60 5.18
C PRO A 17 7.94 17.61 4.99
N VAL A 18 8.20 16.82 6.03
CA VAL A 18 9.26 15.84 5.99
C VAL A 18 9.00 14.78 7.07
N THR A 19 9.12 13.52 6.70
CA THR A 19 8.89 12.43 7.64
C THR A 19 10.10 12.21 8.53
N THR A 20 9.90 11.49 9.62
CA THR A 20 10.97 11.20 10.57
C THR A 20 11.87 10.07 10.04
N ARG A 21 13.04 9.94 10.65
CA ARG A 21 14.00 8.91 10.25
C ARG A 21 13.45 7.52 10.58
N GLN A 22 13.49 6.62 9.59
CA GLN A 22 13.00 5.24 9.77
C GLN A 22 11.53 5.22 10.18
N VAL A 23 11.01 4.02 10.42
CA VAL A 23 9.61 3.86 10.82
C VAL A 23 8.65 4.38 9.75
N ARG A 24 8.26 3.49 8.84
CA ARG A 24 7.36 3.86 7.75
C ARG A 24 5.95 4.13 8.29
N THR A 25 5.27 5.11 7.70
CA THR A 25 3.91 5.46 8.11
C THR A 25 2.92 4.36 7.76
N ILE A 26 3.19 3.63 6.68
CA ILE A 26 2.31 2.54 6.23
C ILE A 26 3.10 1.27 5.98
N VAL A 27 2.40 0.13 5.97
CA VAL A 27 3.02 -1.17 5.74
C VAL A 27 2.11 -2.08 4.92
N GLU A 28 2.70 -2.82 3.99
CA GLU A 28 1.94 -3.73 3.13
C GLU A 28 2.87 -4.64 2.33
N GLU A 29 4.07 -4.88 2.85
CA GLU A 29 5.06 -5.72 2.18
C GLU A 29 4.64 -7.19 2.23
N VAL A 30 4.70 -7.85 1.09
CA VAL A 30 4.33 -9.26 0.98
C VAL A 30 5.38 -10.06 0.21
N GLN A 31 5.39 -11.37 0.42
CA GLN A 31 6.35 -12.25 -0.25
C GLN A 31 6.18 -12.23 -1.76
N ASP A 32 4.93 -12.20 -2.19
CA ASP A 32 4.58 -12.17 -3.60
C ASP A 32 5.06 -10.88 -4.25
N GLY A 33 5.48 -10.97 -5.52
CA GLY A 33 5.97 -9.82 -6.25
C GLY A 33 4.94 -9.29 -7.23
N LYS A 34 5.39 -8.98 -8.43
CA LYS A 34 4.51 -8.46 -9.47
C LYS A 34 3.69 -9.59 -10.10
N VAL A 35 4.37 -10.51 -10.76
CA VAL A 35 3.71 -11.65 -11.40
C VAL A 35 4.50 -12.96 -11.20
N ILE A 36 5.30 -13.01 -10.14
CA ILE A 36 6.11 -14.19 -9.84
C ILE A 36 5.23 -15.41 -9.56
N SER A 37 4.07 -15.18 -8.94
CA SER A 37 3.14 -16.26 -8.60
C SER A 37 2.63 -16.95 -9.87
N SER A 38 2.34 -16.17 -10.89
CA SER A 38 1.84 -16.70 -12.16
C SER A 38 2.90 -17.56 -12.84
N ARG A 39 2.46 -18.67 -13.43
CA ARG A 39 3.36 -19.59 -14.12
C ARG A 39 2.59 -20.41 -15.14
N GLU A 40 3.29 -20.89 -16.17
CA GLU A 40 2.65 -21.69 -17.21
C GLU A 40 3.02 -23.17 -17.06
N GLN A 41 4.29 -23.41 -16.75
CA GLN A 41 4.82 -24.76 -16.57
C GLN A 41 4.63 -25.60 -17.84
N VAL A 42 5.00 -26.87 -17.76
CA VAL A 42 4.89 -27.79 -18.90
C VAL A 42 4.23 -29.11 -18.49
N HIS A 43 3.67 -29.81 -19.46
CA HIS A 43 3.01 -31.09 -19.21
C HIS A 43 2.96 -31.94 -20.48
N GLN A 44 2.69 -33.23 -20.31
CA GLN A 44 2.60 -34.16 -21.43
C GLN A 44 1.32 -33.93 -22.23
N THR A 45 1.42 -34.13 -23.55
CA THR A 45 0.26 -33.94 -24.43
C THR A 45 0.11 -35.13 -25.37
N THR A 46 -1.10 -35.29 -25.92
CA THR A 46 -1.39 -36.39 -26.84
C THR A 46 -0.53 -36.28 -28.11
N ARG A 47 -0.42 -35.07 -28.64
CA ARG A 47 0.37 -34.83 -29.85
C ARG A 47 1.87 -34.91 -29.54
N GLY A 1 -17.39 47.26 8.46
CA GLY A 1 -16.86 45.86 8.48
C GLY A 1 -17.34 45.08 9.69
N SER A 2 -16.54 44.10 10.12
CA SER A 2 -16.88 43.26 11.28
C SER A 2 -18.23 42.55 11.08
N THR A 3 -18.50 42.13 9.85
CA THR A 3 -19.75 41.44 9.52
C THR A 3 -19.84 40.10 10.28
N GLY A 4 -18.72 39.38 10.30
CA GLY A 4 -18.67 38.09 10.99
C GLY A 4 -18.48 38.25 12.49
N GLU A 5 -18.54 37.13 13.20
CA GLU A 5 -18.38 37.13 14.66
C GLU A 5 -17.46 35.99 15.08
N ASP A 6 -16.47 36.31 15.92
CA ASP A 6 -15.53 35.30 16.42
C ASP A 6 -16.23 34.21 17.22
N ALA A 7 -17.20 34.62 18.04
CA ALA A 7 -17.95 33.70 18.86
C ALA A 7 -18.79 32.75 18.02
N HIS A 8 -18.85 31.48 18.44
CA HIS A 8 -19.61 30.45 17.73
C HIS A 8 -19.15 30.31 16.27
N LEU A 9 -17.84 30.45 16.06
CA LEU A 9 -17.26 30.32 14.72
C LEU A 9 -16.60 28.96 14.56
N THR A 10 -17.07 28.19 13.58
CA THR A 10 -16.54 26.86 13.32
C THR A 10 -15.21 26.93 12.58
N GLN A 11 -14.47 25.82 12.59
CA GLN A 11 -13.17 25.74 11.92
C GLN A 11 -13.12 24.54 10.97
N TYR A 12 -12.42 24.71 9.86
CA TYR A 12 -12.29 23.65 8.87
C TYR A 12 -11.20 22.66 9.28
N LYS A 13 -11.43 21.37 9.01
CA LYS A 13 -10.47 20.34 9.36
C LYS A 13 -9.24 20.42 8.43
N PRO A 14 -8.02 20.66 8.97
CA PRO A 14 -6.83 20.73 8.12
C PRO A 14 -6.40 19.36 7.61
N LYS A 15 -6.05 19.28 6.33
CA LYS A 15 -5.63 18.00 5.73
C LYS A 15 -4.10 18.01 5.56
N GLU A 16 -3.38 17.36 6.49
CA GLU A 16 -1.92 17.30 6.44
C GLU A 16 -1.44 16.02 5.75
N PRO A 17 -0.26 16.05 5.07
CA PRO A 17 0.29 14.87 4.39
C PRO A 17 0.88 13.88 5.39
N VAL A 18 0.91 12.61 5.00
CA VAL A 18 1.46 11.57 5.85
C VAL A 18 1.96 10.42 4.98
N THR A 19 3.10 9.85 5.35
CA THR A 19 3.68 8.74 4.59
C THR A 19 3.70 7.47 5.44
N THR A 20 3.17 6.38 4.89
CA THR A 20 3.13 5.11 5.60
C THR A 20 4.48 4.40 5.55
N ARG A 21 4.66 3.42 6.42
CA ARG A 21 5.89 2.66 6.49
C ARG A 21 6.06 1.79 5.24
N GLN A 22 7.23 1.88 4.62
CA GLN A 22 7.51 1.10 3.42
C GLN A 22 7.75 -0.36 3.76
N VAL A 23 7.27 -1.25 2.89
CA VAL A 23 7.44 -2.69 3.10
C VAL A 23 8.73 -3.16 2.43
N ARG A 24 9.82 -3.10 3.20
CA ARG A 24 11.12 -3.52 2.70
C ARG A 24 11.16 -5.04 2.52
N THR A 25 11.88 -5.49 1.50
CA THR A 25 12.00 -6.92 1.23
C THR A 25 12.99 -7.59 2.17
N ILE A 26 12.95 -8.92 2.22
CA ILE A 26 13.83 -9.70 3.09
C ILE A 26 14.81 -10.51 2.23
N VAL A 27 16.10 -10.29 2.46
CA VAL A 27 17.15 -11.01 1.71
C VAL A 27 17.07 -10.67 0.21
N GLU A 28 18.23 -10.66 -0.44
CA GLU A 28 18.30 -10.36 -1.86
C GLU A 28 19.69 -10.72 -2.39
N GLU A 29 20.15 -11.91 -2.00
CA GLU A 29 21.46 -12.41 -2.41
C GLU A 29 21.40 -13.88 -2.78
N VAL A 30 22.25 -14.30 -3.72
CA VAL A 30 22.31 -15.69 -4.17
C VAL A 30 23.71 -16.26 -3.93
N GLN A 31 23.77 -17.39 -3.24
CA GLN A 31 25.05 -18.04 -2.95
C GLN A 31 25.57 -18.78 -4.17
N ASP A 32 26.89 -18.80 -4.33
CA ASP A 32 27.52 -19.48 -5.47
C ASP A 32 27.26 -20.98 -5.42
N GLY A 33 27.05 -21.59 -6.58
CA GLY A 33 26.79 -23.02 -6.66
C GLY A 33 25.31 -23.37 -6.56
N LYS A 34 24.46 -22.37 -6.29
CA LYS A 34 23.01 -22.59 -6.17
C LYS A 34 22.25 -21.45 -6.83
N VAL A 35 21.23 -21.80 -7.61
CA VAL A 35 20.41 -20.80 -8.32
C VAL A 35 18.93 -20.97 -7.95
N ILE A 36 18.30 -19.87 -7.53
CA ILE A 36 16.89 -19.90 -7.16
C ILE A 36 16.00 -20.22 -8.36
N SER A 37 16.40 -19.73 -9.53
CA SER A 37 15.63 -19.97 -10.76
C SER A 37 15.58 -21.45 -11.12
N SER A 38 16.70 -22.13 -10.93
CA SER A 38 16.79 -23.56 -11.23
C SER A 38 15.88 -24.38 -10.29
N ARG A 39 15.21 -25.38 -10.86
CA ARG A 39 14.31 -26.23 -10.08
C ARG A 39 14.27 -27.61 -10.69
N GLU A 40 14.50 -28.63 -9.87
CA GLU A 40 14.49 -30.01 -10.33
C GLU A 40 13.10 -30.45 -10.80
N GLN A 41 12.06 -29.91 -10.15
CA GLN A 41 10.68 -30.24 -10.50
C GLN A 41 10.30 -29.63 -11.84
N VAL A 42 9.67 -30.43 -12.70
CA VAL A 42 9.25 -29.97 -14.03
C VAL A 42 7.87 -30.53 -14.38
N HIS A 43 7.07 -29.70 -15.05
CA HIS A 43 5.73 -30.11 -15.45
C HIS A 43 5.25 -29.32 -16.68
N GLN A 44 4.20 -29.81 -17.32
CA GLN A 44 3.64 -29.15 -18.50
C GLN A 44 2.16 -29.45 -18.63
N THR A 45 1.45 -28.59 -19.38
CA THR A 45 0.01 -28.75 -19.59
C THR A 45 -0.34 -28.65 -21.07
N THR A 46 -1.50 -29.16 -21.43
CA THR A 46 -1.97 -29.14 -22.82
C THR A 46 -2.15 -27.69 -23.29
N ARG A 47 -2.76 -26.87 -22.43
CA ARG A 47 -3.00 -25.45 -22.75
C ARG A 47 -3.88 -25.30 -23.99
N GLY A 1 -24.08 35.45 19.47
CA GLY A 1 -23.84 34.20 18.71
C GLY A 1 -24.50 34.22 17.35
N SER A 2 -24.67 33.04 16.76
CA SER A 2 -25.29 32.90 15.44
C SER A 2 -26.45 31.91 15.48
N THR A 3 -27.46 32.15 14.65
CA THR A 3 -28.63 31.28 14.57
C THR A 3 -28.94 30.89 13.13
N GLY A 4 -29.70 29.81 12.96
CA GLY A 4 -30.06 29.35 11.63
C GLY A 4 -28.96 28.54 10.98
N GLU A 5 -29.14 28.24 9.70
CA GLU A 5 -28.14 27.45 8.96
C GLU A 5 -26.89 28.28 8.70
N ASP A 6 -25.74 27.62 8.74
CA ASP A 6 -24.45 28.29 8.52
C ASP A 6 -24.11 28.31 7.03
N ALA A 7 -24.25 29.47 6.41
CA ALA A 7 -23.95 29.63 4.98
C ALA A 7 -22.48 29.32 4.68
N HIS A 8 -21.60 29.76 5.57
CA HIS A 8 -20.17 29.52 5.39
C HIS A 8 -19.82 28.06 5.64
N LEU A 9 -18.81 27.57 4.92
CA LEU A 9 -18.38 26.17 5.05
C LEU A 9 -17.09 26.09 5.87
N THR A 10 -17.14 25.34 6.96
CA THR A 10 -15.99 25.17 7.85
C THR A 10 -15.59 23.69 7.92
N GLN A 11 -14.31 23.42 7.70
CA GLN A 11 -13.79 22.05 7.74
C GLN A 11 -12.31 22.03 8.14
N TYR A 12 -11.86 20.89 8.65
CA TYR A 12 -10.46 20.74 9.08
C TYR A 12 -9.94 19.36 8.67
N LYS A 13 -8.78 19.34 8.01
CA LYS A 13 -8.16 18.10 7.57
C LYS A 13 -7.07 17.67 8.55
N PRO A 14 -7.29 16.59 9.35
CA PRO A 14 -6.28 16.14 10.30
C PRO A 14 -5.02 15.67 9.59
N LYS A 15 -3.87 16.24 9.97
CA LYS A 15 -2.59 15.88 9.36
C LYS A 15 -1.75 15.05 10.34
N GLU A 16 -1.71 13.74 10.08
CA GLU A 16 -0.94 12.83 10.93
C GLU A 16 0.56 13.01 10.71
N PRO A 17 1.40 12.73 11.74
CA PRO A 17 2.87 12.89 11.60
C PRO A 17 3.45 12.07 10.45
N VAL A 18 4.40 12.66 9.74
CA VAL A 18 5.04 12.00 8.61
C VAL A 18 6.54 12.20 8.73
N THR A 19 7.29 11.11 8.74
CA THR A 19 8.73 11.21 8.85
C THR A 19 9.38 11.51 7.51
N THR A 20 10.63 11.96 7.55
CA THR A 20 11.37 12.29 6.34
C THR A 20 11.63 11.06 5.48
N ARG A 21 11.99 9.97 6.15
CA ARG A 21 12.28 8.70 5.48
C ARG A 21 11.59 7.54 6.18
N GLN A 22 11.21 6.52 5.42
CA GLN A 22 10.53 5.35 5.96
C GLN A 22 11.21 4.07 5.49
N VAL A 23 11.18 3.04 6.35
CA VAL A 23 11.79 1.76 6.02
C VAL A 23 11.02 1.08 4.88
N ARG A 24 11.43 1.37 3.66
CA ARG A 24 10.79 0.78 2.48
C ARG A 24 11.05 -0.72 2.41
N THR A 25 9.98 -1.48 2.19
CA THR A 25 10.07 -2.94 2.11
C THR A 25 10.88 -3.35 0.87
N ILE A 26 11.86 -4.23 1.08
CA ILE A 26 12.70 -4.73 -0.01
C ILE A 26 12.81 -6.25 0.02
N VAL A 27 13.16 -6.84 -1.13
CA VAL A 27 13.31 -8.29 -1.24
C VAL A 27 14.63 -8.66 -1.93
N GLU A 28 15.07 -9.89 -1.70
CA GLU A 28 16.31 -10.38 -2.29
C GLU A 28 16.38 -11.89 -2.17
N GLU A 29 15.91 -12.59 -3.20
CA GLU A 29 15.91 -14.04 -3.21
C GLU A 29 16.03 -14.58 -4.64
N VAL A 30 16.90 -15.57 -4.81
CA VAL A 30 17.14 -16.18 -6.11
C VAL A 30 17.11 -17.70 -6.02
N GLN A 31 16.86 -18.36 -7.16
CA GLN A 31 16.81 -19.82 -7.21
C GLN A 31 17.41 -20.33 -8.51
N ASP A 32 18.27 -21.35 -8.41
CA ASP A 32 18.92 -21.94 -9.58
C ASP A 32 17.89 -22.56 -10.53
N GLY A 33 18.14 -22.43 -11.82
CA GLY A 33 17.24 -22.98 -12.82
C GLY A 33 17.44 -24.48 -13.06
N LYS A 34 18.50 -25.06 -12.48
CA LYS A 34 18.79 -26.48 -12.63
C LYS A 34 19.04 -27.14 -11.29
N VAL A 35 18.75 -28.44 -11.20
CA VAL A 35 18.93 -29.22 -9.97
C VAL A 35 17.87 -28.85 -8.94
N ILE A 36 16.76 -29.59 -8.97
CA ILE A 36 15.65 -29.35 -8.05
C ILE A 36 15.07 -27.94 -8.25
N SER A 37 14.72 -27.64 -9.49
CA SER A 37 14.16 -26.34 -9.84
C SER A 37 12.82 -26.13 -9.16
N SER A 38 12.01 -27.18 -9.10
CA SER A 38 10.69 -27.11 -8.47
C SER A 38 10.82 -27.00 -6.96
N ARG A 39 9.75 -26.53 -6.32
CA ARG A 39 9.73 -26.38 -4.87
C ARG A 39 8.31 -26.06 -4.39
N GLU A 40 7.43 -27.05 -4.54
CA GLU A 40 6.03 -26.93 -4.14
C GLU A 40 5.30 -25.86 -4.96
N GLN A 41 5.52 -24.59 -4.62
CA GLN A 41 4.88 -23.49 -5.32
C GLN A 41 5.47 -23.31 -6.72
N VAL A 42 4.67 -22.77 -7.63
CA VAL A 42 5.10 -22.56 -9.02
C VAL A 42 4.77 -21.13 -9.48
N HIS A 43 5.49 -20.66 -10.50
CA HIS A 43 5.30 -19.32 -11.05
C HIS A 43 4.60 -19.35 -12.41
N GLN A 44 4.03 -20.50 -12.78
CA GLN A 44 3.34 -20.64 -14.07
C GLN A 44 2.09 -19.77 -14.10
N THR A 45 1.93 -19.02 -15.19
CA THR A 45 0.77 -18.14 -15.37
C THR A 45 -0.03 -18.55 -16.61
N THR A 46 -1.33 -18.71 -16.44
CA THR A 46 -2.21 -19.10 -17.54
C THR A 46 -2.32 -18.00 -18.59
N ARG A 47 -2.20 -16.74 -18.16
CA ARG A 47 -2.29 -15.60 -19.07
C ARG A 47 -1.06 -15.54 -19.97
#